data_6NU6
#
_entry.id   6NU6
#
_cell.length_a   54.797
_cell.length_b   105.593
_cell.length_c   152.523
_cell.angle_alpha   90.000
_cell.angle_beta   90.000
_cell.angle_gamma   90.000
#
_symmetry.space_group_name_H-M   'P 21 21 21'
#
loop_
_entity.id
_entity.type
_entity.pdbx_description
1 polymer 'ATP-dependent dethiobiotin synthetase BioD'
2 non-polymer '4-[(1R,2S)-2-(carboxymethyl)cyclopentane-1-carbonyl]benzoic acid'
3 non-polymer '4-[(1S,2R)-2-(carboxymethyl)cyclopentane-1-carbonyl]benzoic acid'
4 non-polymer 'SULFATE ION'
5 water water
#
_entity_poly.entity_id   1
_entity_poly.type   'polypeptide(L)'
_entity_poly.pdbx_seq_one_letter_code
;HHHHHHGGTILVVTGTGTGVGKTVVCAALASAARQAGIDVAVCKPVQTGTARGDDDLAEVGRLAGVTQLAGLARYPQPMA
PAAAAEHAGMALPARDQIVRLIADLDRPGRLTLVEGAGGLLVELAEPGVTLRDVAVDVAAAALVVVTADLGTLNHTKLTL
EALAAQQVSCAGLVIGSWPDPPGLVAASNRSALARIAMVRAALPAGAASLDAGDFAAMSAAAFDRNWVAGLVG
;
_entity_poly.pdbx_strand_id   A,B,C,D
#
loop_
_chem_comp.id
_chem_comp.type
_chem_comp.name
_chem_comp.formula
L1V non-polymer '4-[(1R,2S)-2-(carboxymethyl)cyclopentane-1-carbonyl]benzoic acid' 'C15 H16 O5'
L1Y non-polymer '4-[(1S,2R)-2-(carboxymethyl)cyclopentane-1-carbonyl]benzoic acid' 'C15 H16 O5'
SO4 non-polymer 'SULFATE ION' 'O4 S -2'
#
# COMPACT_ATOMS: atom_id res chain seq x y z
N GLY A 7 12.07 -3.45 20.11
CA GLY A 7 12.04 -4.89 19.88
C GLY A 7 12.63 -5.28 18.54
N GLY A 8 12.16 -6.41 18.00
CA GLY A 8 12.63 -6.91 16.71
C GLY A 8 11.57 -6.84 15.63
N THR A 9 11.39 -7.91 14.86
CA THR A 9 10.38 -7.90 13.82
C THR A 9 9.36 -9.01 14.07
N ILE A 10 8.10 -8.62 14.21
CA ILE A 10 6.98 -9.53 14.38
C ILE A 10 6.26 -9.60 13.05
N LEU A 11 6.04 -10.81 12.57
CA LEU A 11 5.25 -11.07 11.38
C LEU A 11 4.15 -12.03 11.75
N VAL A 12 2.90 -11.63 11.57
CA VAL A 12 1.84 -12.63 11.62
C VAL A 12 1.81 -13.35 10.29
N VAL A 13 1.74 -14.66 10.35
CA VAL A 13 1.62 -15.52 9.19
C VAL A 13 0.18 -16.04 9.19
N THR A 14 -0.65 -15.46 8.32
CA THR A 14 -2.01 -15.91 8.13
C THR A 14 -2.11 -16.62 6.78
N GLY A 15 -3.32 -16.81 6.30
CA GLY A 15 -3.59 -17.49 5.04
C GLY A 15 -4.99 -17.12 4.60
N THR A 16 -5.31 -17.52 3.38
CA THR A 16 -6.61 -17.23 2.81
C THR A 16 -7.69 -18.10 3.43
N GLY A 17 -7.29 -19.18 4.05
CA GLY A 17 -8.20 -20.18 4.55
C GLY A 17 -7.44 -21.19 5.36
N THR A 18 -8.03 -22.36 5.50
CA THR A 18 -7.43 -23.44 6.26
C THR A 18 -6.79 -24.46 5.34
N GLY A 19 -5.71 -25.07 5.82
CA GLY A 19 -5.07 -26.07 5.00
C GLY A 19 -4.34 -25.54 3.79
N VAL A 20 -4.04 -24.23 3.77
CA VAL A 20 -3.36 -23.57 2.64
C VAL A 20 -1.84 -23.55 2.79
N GLY A 21 -1.31 -23.97 3.92
CA GLY A 21 0.12 -24.11 4.10
C GLY A 21 0.75 -23.13 5.06
N LYS A 22 -0.01 -22.64 6.04
CA LYS A 22 0.56 -21.66 6.97
C LYS A 22 1.72 -22.27 7.75
N THR A 23 1.56 -23.52 8.22
CA THR A 23 2.61 -24.11 9.03
C THR A 23 3.88 -24.35 8.22
N VAL A 24 3.76 -24.88 7.01
CA VAL A 24 4.95 -25.16 6.22
C VAL A 24 5.61 -23.86 5.76
N VAL A 25 4.81 -22.83 5.48
CA VAL A 25 5.41 -21.53 5.18
C VAL A 25 6.12 -20.96 6.41
N CYS A 26 5.53 -21.16 7.61
CA CYS A 26 6.19 -20.71 8.84
C CYS A 26 7.55 -21.34 8.99
N ALA A 27 7.58 -22.68 8.96
CA ALA A 27 8.83 -23.41 9.03
C ALA A 27 9.78 -23.00 7.91
N ALA A 28 9.25 -22.78 6.70
CA ALA A 28 10.15 -22.46 5.60
C ALA A 28 10.73 -21.05 5.73
N LEU A 29 9.92 -20.07 6.15
CA LEU A 29 10.49 -18.75 6.40
C LEU A 29 11.41 -18.78 7.60
N ALA A 30 11.05 -19.53 8.65
CA ALA A 30 11.90 -19.59 9.83
C ALA A 30 13.27 -20.10 9.45
N SER A 31 13.33 -21.21 8.71
CA SER A 31 14.60 -21.77 8.27
C SER A 31 15.39 -20.78 7.42
N ALA A 32 14.73 -20.13 6.46
CA ALA A 32 15.47 -19.19 5.63
C ALA A 32 16.06 -18.04 6.45
N ALA A 33 15.34 -17.58 7.46
CA ALA A 33 15.86 -16.51 8.32
C ALA A 33 17.01 -17.00 9.18
N ARG A 34 16.87 -18.23 9.74
CA ARG A 34 17.93 -18.80 10.57
C ARG A 34 19.22 -18.94 9.78
N GLN A 35 19.11 -19.39 8.54
CA GLN A 35 20.29 -19.54 7.70
C GLN A 35 20.93 -18.20 7.40
N ALA A 36 20.14 -17.13 7.40
CA ALA A 36 20.70 -15.78 7.31
C ALA A 36 21.14 -15.24 8.68
N GLY A 37 21.30 -16.12 9.67
CA GLY A 37 21.77 -15.71 10.97
C GLY A 37 20.80 -14.85 11.77
N ILE A 38 19.51 -14.94 11.47
CA ILE A 38 18.49 -14.21 12.21
C ILE A 38 17.94 -15.14 13.28
N ASP A 39 17.93 -14.69 14.53
CA ASP A 39 17.26 -15.44 15.59
C ASP A 39 15.75 -15.47 15.33
N VAL A 40 15.17 -16.67 15.38
CA VAL A 40 13.76 -16.86 15.04
C VAL A 40 13.02 -17.49 16.21
N ALA A 41 11.86 -16.93 16.55
CA ALA A 41 10.88 -17.60 17.39
C ALA A 41 9.59 -17.79 16.59
N VAL A 42 8.94 -18.94 16.77
CA VAL A 42 7.61 -19.17 16.19
C VAL A 42 6.62 -19.34 17.34
N CYS A 43 5.48 -18.67 17.20
CA CYS A 43 4.45 -18.58 18.24
C CYS A 43 3.09 -18.92 17.64
N LYS A 44 2.34 -19.75 18.36
CA LYS A 44 1.07 -20.28 17.90
C LYS A 44 0.07 -20.06 19.03
N PRO A 45 -0.51 -18.86 19.11
CA PRO A 45 -1.41 -18.56 20.23
C PRO A 45 -2.57 -19.53 20.39
N VAL A 46 -3.20 -19.96 19.31
CA VAL A 46 -4.33 -20.87 19.39
C VAL A 46 -4.08 -22.06 18.48
N GLN A 47 -4.11 -23.25 19.06
CA GLN A 47 -3.90 -24.51 18.33
C GLN A 47 -5.07 -25.44 18.61
N THR A 48 -5.89 -25.73 17.59
CA THR A 48 -6.93 -26.73 17.71
C THR A 48 -6.44 -28.04 17.10
N GLY A 49 -7.26 -29.09 17.21
CA GLY A 49 -6.92 -30.35 16.59
C GLY A 49 -5.93 -31.21 17.36
N THR A 50 -5.74 -30.96 18.65
CA THR A 50 -4.73 -31.71 19.38
C THR A 50 -5.17 -33.15 19.63
N ALA A 51 -6.48 -33.40 19.70
CA ALA A 51 -7.01 -34.75 19.83
C ALA A 51 -6.77 -35.60 18.59
N ARG A 52 -6.18 -35.04 17.53
CA ARG A 52 -5.69 -35.84 16.42
C ARG A 52 -4.23 -35.57 16.14
N GLY A 53 -3.52 -34.99 17.09
CA GLY A 53 -2.08 -34.86 16.99
C GLY A 53 -1.59 -33.60 16.29
N ASP A 54 -2.48 -32.69 15.91
CA ASP A 54 -2.02 -31.45 15.31
C ASP A 54 -1.14 -30.73 16.32
N ASP A 55 0.03 -30.28 15.86
CA ASP A 55 0.90 -29.47 16.70
C ASP A 55 1.82 -28.72 15.73
N ASP A 56 1.39 -27.53 15.32
CA ASP A 56 2.12 -26.75 14.33
C ASP A 56 3.48 -26.33 14.88
N LEU A 57 3.54 -25.97 16.16
CA LEU A 57 4.81 -25.68 16.79
C LEU A 57 5.77 -26.86 16.64
N ALA A 58 5.26 -28.07 16.87
CA ALA A 58 6.11 -29.25 16.77
C ALA A 58 6.60 -29.44 15.33
N GLU A 59 5.70 -29.32 14.35
CA GLU A 59 6.10 -29.51 12.96
C GLU A 59 7.13 -28.47 12.54
N VAL A 60 6.93 -27.22 12.96
CA VAL A 60 7.85 -26.15 12.61
C VAL A 60 9.25 -26.45 13.15
N GLY A 61 9.35 -26.84 14.42
CA GLY A 61 10.63 -27.28 14.95
C GLY A 61 11.20 -28.46 14.18
N ARG A 62 10.33 -29.42 13.83
CA ARG A 62 10.76 -30.64 13.14
C ARG A 62 11.41 -30.32 11.80
N LEU A 63 10.86 -29.34 11.08
CA LEU A 63 11.28 -29.07 9.71
C LEU A 63 12.34 -27.99 9.63
N ALA A 64 12.32 -27.04 10.57
CA ALA A 64 13.20 -25.89 10.52
C ALA A 64 14.14 -25.82 11.71
N GLY A 65 14.02 -26.73 12.68
CA GLY A 65 14.89 -26.68 13.83
C GLY A 65 14.71 -25.47 14.74
N VAL A 66 13.56 -24.80 14.68
CA VAL A 66 13.31 -23.75 15.67
C VAL A 66 13.18 -24.40 17.04
N THR A 67 13.97 -23.91 17.99
CA THR A 67 13.86 -24.35 19.38
C THR A 67 12.95 -23.42 20.18
N GLN A 68 12.92 -22.13 19.82
CA GLN A 68 12.10 -21.13 20.51
C GLN A 68 10.66 -21.17 19.99
N LEU A 69 9.85 -22.03 20.62
CA LEU A 69 8.49 -22.35 20.21
C LEU A 69 7.55 -22.01 21.36
N ALA A 70 6.68 -21.03 21.18
CA ALA A 70 5.77 -20.58 22.22
C ALA A 70 4.34 -20.87 21.81
N GLY A 71 3.62 -21.62 22.64
CA GLY A 71 2.20 -21.84 22.49
C GLY A 71 1.42 -21.26 23.66
N LEU A 72 0.10 -21.39 23.58
CA LEU A 72 -0.74 -20.80 24.60
C LEU A 72 -2.01 -21.61 24.80
N ALA A 73 -2.96 -21.50 23.88
CA ALA A 73 -4.24 -22.18 24.01
C ALA A 73 -4.22 -23.41 23.13
N ARG A 74 -4.63 -24.55 23.69
CA ARG A 74 -4.71 -25.80 22.94
C ARG A 74 -6.09 -26.39 23.14
N TYR A 75 -6.71 -26.79 22.05
CA TYR A 75 -8.03 -27.39 22.09
C TYR A 75 -8.03 -28.67 21.28
N PRO A 76 -8.77 -29.70 21.72
CA PRO A 76 -8.66 -31.03 21.10
C PRO A 76 -9.24 -31.12 19.70
N GLN A 77 -10.46 -30.64 19.53
CA GLN A 77 -11.18 -30.90 18.29
C GLN A 77 -10.56 -30.15 17.11
N PRO A 78 -10.49 -30.78 15.92
CA PRO A 78 -10.01 -30.09 14.70
C PRO A 78 -11.07 -29.18 14.09
N MET A 79 -11.27 -28.04 14.75
CA MET A 79 -12.36 -27.14 14.43
C MET A 79 -11.86 -25.71 14.58
N ALA A 80 -12.72 -24.77 14.22
CA ALA A 80 -12.35 -23.38 14.42
C ALA A 80 -12.10 -23.14 15.90
N PRO A 81 -11.07 -22.34 16.26
CA PRO A 81 -10.80 -22.04 17.69
C PRO A 81 -12.05 -21.83 18.54
N ALA A 82 -13.08 -21.14 18.02
CA ALA A 82 -14.25 -20.84 18.84
C ALA A 82 -15.11 -22.07 19.06
N ALA A 83 -15.22 -22.93 18.05
CA ALA A 83 -15.99 -24.15 18.19
C ALA A 83 -15.26 -25.16 19.05
N ALA A 84 -13.99 -25.39 18.76
CA ALA A 84 -13.21 -26.37 19.51
C ALA A 84 -13.16 -26.00 20.99
N ALA A 85 -13.18 -24.71 21.31
CA ALA A 85 -13.23 -24.33 22.71
C ALA A 85 -14.58 -24.69 23.32
N GLU A 86 -15.69 -24.27 22.70
CA GLU A 86 -16.99 -24.64 23.25
C GLU A 86 -17.10 -26.15 23.37
N HIS A 87 -16.68 -26.90 22.35
CA HIS A 87 -16.79 -28.35 22.42
C HIS A 87 -16.02 -28.90 23.60
N ALA A 88 -14.97 -28.21 24.05
CA ALA A 88 -14.13 -28.71 25.13
C ALA A 88 -14.56 -28.17 26.49
N GLY A 89 -15.64 -27.40 26.55
CA GLY A 89 -15.94 -26.72 27.79
C GLY A 89 -14.96 -25.64 28.19
N MET A 90 -14.10 -25.21 27.28
CA MET A 90 -13.06 -24.23 27.56
C MET A 90 -13.38 -22.88 26.93
N ALA A 91 -12.76 -21.84 27.48
CA ALA A 91 -12.88 -20.51 26.90
C ALA A 91 -11.67 -20.22 25.99
N LEU A 92 -11.87 -19.26 25.09
CA LEU A 92 -10.77 -18.78 24.28
C LEU A 92 -9.83 -17.97 25.16
N PRO A 93 -8.58 -17.80 24.76
CA PRO A 93 -7.71 -16.87 25.50
C PRO A 93 -8.23 -15.46 25.34
N ALA A 94 -7.71 -14.57 26.16
CA ALA A 94 -8.03 -13.15 26.03
C ALA A 94 -7.07 -12.45 25.07
N ARG A 95 -7.53 -11.31 24.54
CA ARG A 95 -6.75 -10.53 23.58
C ARG A 95 -5.39 -10.18 24.13
N ASP A 96 -5.36 -9.58 25.29
CA ASP A 96 -4.10 -9.19 25.90
C ASP A 96 -3.24 -10.38 26.37
N GLN A 97 -3.72 -11.63 26.32
CA GLN A 97 -2.87 -12.78 26.59
C GLN A 97 -2.05 -13.21 25.36
N ILE A 98 -2.68 -13.17 24.19
CA ILE A 98 -1.96 -13.42 22.95
C ILE A 98 -0.92 -12.33 22.75
N VAL A 99 -1.32 -11.08 22.94
CA VAL A 99 -0.40 -9.96 22.76
C VAL A 99 0.76 -10.08 23.74
N ARG A 100 0.47 -10.55 24.95
CA ARG A 100 1.52 -10.76 25.93
C ARG A 100 2.48 -11.86 25.48
N LEU A 101 1.95 -12.98 24.98
CA LEU A 101 2.79 -14.05 24.47
C LEU A 101 3.76 -13.57 23.38
N ILE A 102 3.29 -12.74 22.46
CA ILE A 102 4.13 -12.29 21.37
C ILE A 102 5.17 -11.30 21.88
N ALA A 103 4.72 -10.24 22.57
CA ALA A 103 5.65 -9.21 23.06
C ALA A 103 6.75 -9.82 23.91
N ASP A 104 6.41 -10.80 24.76
CA ASP A 104 7.41 -11.48 25.56
C ASP A 104 8.47 -12.18 24.71
N LEU A 105 8.12 -12.61 23.50
CA LEU A 105 9.10 -13.19 22.58
C LEU A 105 9.89 -12.10 21.84
N ASP A 106 9.19 -11.06 21.39
CA ASP A 106 9.79 -9.98 20.65
C ASP A 106 11.03 -9.48 21.36
N ARG A 107 12.14 -9.44 20.63
CA ARG A 107 13.35 -8.75 21.05
C ARG A 107 14.12 -8.38 19.80
N PRO A 108 15.05 -7.42 19.90
CA PRO A 108 15.74 -6.95 18.68
C PRO A 108 16.61 -8.03 18.08
N GLY A 109 16.79 -7.94 16.76
CA GLY A 109 17.51 -8.95 16.02
C GLY A 109 16.77 -10.25 15.84
N ARG A 110 15.51 -10.33 16.28
CA ARG A 110 14.76 -11.57 16.21
C ARG A 110 13.58 -11.42 15.27
N LEU A 111 13.32 -12.47 14.49
CA LEU A 111 12.10 -12.58 13.71
C LEU A 111 11.14 -13.45 14.51
N THR A 112 10.05 -12.85 14.98
CA THR A 112 9.00 -13.56 15.70
C THR A 112 7.81 -13.75 14.75
N LEU A 113 7.53 -15.02 14.39
CA LEU A 113 6.42 -15.38 13.49
C LEU A 113 5.21 -15.82 14.31
N VAL A 114 4.07 -15.16 14.11
CA VAL A 114 2.84 -15.55 14.79
C VAL A 114 1.97 -16.28 13.79
N GLU A 115 1.92 -17.60 13.87
CA GLU A 115 1.06 -18.39 13.00
C GLU A 115 -0.38 -18.34 13.49
N GLY A 116 -1.31 -17.98 12.61
CA GLY A 116 -2.71 -17.93 12.96
C GLY A 116 -3.36 -19.31 12.91
N ALA A 117 -4.67 -19.32 13.17
CA ALA A 117 -5.49 -20.51 13.01
C ALA A 117 -6.46 -20.24 11.88
N GLY A 118 -6.49 -21.13 10.89
CA GLY A 118 -7.26 -20.85 9.68
C GLY A 118 -6.86 -19.53 9.04
N GLY A 119 -7.87 -18.78 8.58
CA GLY A 119 -7.64 -17.54 7.88
C GLY A 119 -7.60 -16.32 8.79
N LEU A 120 -7.54 -15.14 8.15
CA LEU A 120 -7.26 -13.92 8.88
C LEU A 120 -8.39 -13.55 9.84
N LEU A 121 -9.63 -13.80 9.46
CA LEU A 121 -10.72 -13.29 10.29
C LEU A 121 -11.22 -14.33 11.29
N VAL A 122 -10.50 -15.43 11.48
CA VAL A 122 -10.93 -16.40 12.47
C VAL A 122 -10.80 -15.81 13.88
N GLU A 123 -11.81 -16.08 14.70
CA GLU A 123 -11.79 -15.60 16.08
C GLU A 123 -10.73 -16.36 16.87
N LEU A 124 -9.90 -15.61 17.58
CA LEU A 124 -8.91 -16.21 18.46
C LEU A 124 -9.15 -15.87 19.92
N ALA A 125 -9.75 -14.73 20.21
CA ALA A 125 -10.09 -14.36 21.58
C ALA A 125 -11.46 -13.74 21.58
N GLU A 126 -12.12 -13.80 22.75
CA GLU A 126 -13.43 -13.19 22.91
C GLU A 126 -13.29 -11.67 22.99
N PRO A 127 -14.17 -10.90 22.30
CA PRO A 127 -15.27 -11.24 21.41
C PRO A 127 -15.02 -10.83 19.98
N GLY A 128 -14.71 -11.78 19.12
CA GLY A 128 -14.41 -11.44 17.73
C GLY A 128 -13.00 -10.91 17.53
N VAL A 129 -12.09 -11.19 18.45
CA VAL A 129 -10.68 -10.80 18.29
C VAL A 129 -10.01 -11.74 17.30
N THR A 130 -9.45 -11.17 16.23
CA THR A 130 -8.79 -11.91 15.16
C THR A 130 -7.29 -11.68 15.19
N LEU A 131 -6.60 -12.47 14.36
CA LEU A 131 -5.18 -12.25 14.16
C LEU A 131 -4.91 -10.84 13.66
N ARG A 132 -5.80 -10.31 12.80
CA ARG A 132 -5.64 -8.94 12.31
C ARG A 132 -5.60 -7.93 13.45
N ASP A 133 -6.47 -8.10 14.45
CA ASP A 133 -6.44 -7.20 15.61
C ASP A 133 -5.12 -7.32 16.35
N VAL A 134 -4.68 -8.56 16.58
CA VAL A 134 -3.36 -8.82 17.18
C VAL A 134 -2.28 -8.07 16.43
N ALA A 135 -2.29 -8.19 15.09
CA ALA A 135 -1.28 -7.54 14.26
C ALA A 135 -1.26 -6.04 14.54
N VAL A 136 -2.44 -5.43 14.60
CA VAL A 136 -2.51 -4.03 14.99
C VAL A 136 -1.87 -3.83 16.36
N ASP A 137 -2.30 -4.64 17.35
CA ASP A 137 -1.84 -4.45 18.72
C ASP A 137 -0.33 -4.53 18.86
N VAL A 138 0.35 -5.28 17.99
CA VAL A 138 1.78 -5.50 18.11
C VAL A 138 2.53 -4.94 16.91
N ALA A 139 1.86 -4.17 16.05
CA ALA A 139 2.47 -3.54 14.89
C ALA A 139 3.25 -4.54 14.04
N ALA A 140 2.56 -5.58 13.61
CA ALA A 140 3.16 -6.60 12.76
C ALA A 140 2.62 -6.48 11.36
N ALA A 141 3.46 -6.84 10.39
CA ALA A 141 2.95 -7.04 9.05
C ALA A 141 2.39 -8.45 8.95
N ALA A 142 1.55 -8.69 7.95
CA ALA A 142 1.00 -10.01 7.74
C ALA A 142 1.59 -10.62 6.46
N LEU A 143 2.13 -11.81 6.61
CA LEU A 143 2.47 -12.67 5.49
C LEU A 143 1.30 -13.62 5.23
N VAL A 144 0.72 -13.53 4.03
CA VAL A 144 -0.50 -14.24 3.68
C VAL A 144 -0.14 -15.50 2.89
N VAL A 145 -0.51 -16.65 3.41
CA VAL A 145 -0.31 -17.89 2.67
C VAL A 145 -1.49 -18.12 1.72
N VAL A 146 -1.18 -18.34 0.45
CA VAL A 146 -2.16 -18.52 -0.60
C VAL A 146 -1.90 -19.85 -1.31
N THR A 147 -2.92 -20.34 -2.00
CA THR A 147 -2.81 -21.55 -2.80
C THR A 147 -2.71 -21.18 -4.27
N ALA A 148 -2.35 -22.16 -5.07
CA ALA A 148 -2.37 -22.00 -6.50
C ALA A 148 -3.67 -22.49 -7.13
N ASP A 149 -4.56 -23.10 -6.34
CA ASP A 149 -5.76 -23.71 -6.87
C ASP A 149 -6.79 -22.66 -7.28
N LEU A 150 -7.74 -23.12 -8.08
CA LEU A 150 -8.89 -22.31 -8.45
C LEU A 150 -9.59 -21.82 -7.19
N GLY A 151 -9.94 -20.53 -7.18
CA GLY A 151 -10.52 -19.90 -6.01
C GLY A 151 -9.57 -18.99 -5.26
N THR A 152 -8.25 -19.14 -5.46
CA THR A 152 -7.27 -18.42 -4.66
C THR A 152 -7.35 -16.91 -4.88
N LEU A 153 -7.73 -16.48 -6.08
CA LEU A 153 -7.65 -15.05 -6.41
C LEU A 153 -8.67 -14.24 -5.61
N ASN A 154 -9.90 -14.73 -5.53
CA ASN A 154 -10.89 -14.05 -4.69
C ASN A 154 -10.49 -14.07 -3.22
N HIS A 155 -10.03 -15.22 -2.71
CA HIS A 155 -9.64 -15.32 -1.30
C HIS A 155 -8.49 -14.40 -0.97
N THR A 156 -7.53 -14.27 -1.87
CA THR A 156 -6.41 -13.39 -1.60
C THR A 156 -6.86 -11.93 -1.60
N LYS A 157 -7.63 -11.54 -2.62
CA LYS A 157 -8.13 -10.17 -2.69
C LYS A 157 -8.93 -9.82 -1.45
N LEU A 158 -9.76 -10.75 -0.96
CA LEU A 158 -10.52 -10.50 0.26
C LEU A 158 -9.59 -10.25 1.44
N THR A 159 -8.61 -11.14 1.62
CA THR A 159 -7.68 -11.05 2.72
C THR A 159 -6.92 -9.73 2.72
N LEU A 160 -6.34 -9.37 1.57
CA LEU A 160 -5.63 -8.11 1.43
C LEU A 160 -6.53 -6.94 1.76
N GLU A 161 -7.77 -6.94 1.25
N GLU A 161 -7.77 -6.95 1.27
CA GLU A 161 -8.66 -5.84 1.63
CA GLU A 161 -8.71 -5.88 1.60
C GLU A 161 -8.86 -5.81 3.13
C GLU A 161 -8.97 -5.82 3.10
N ALA A 162 -9.06 -6.98 3.75
CA ALA A 162 -9.30 -6.99 5.19
C ALA A 162 -8.06 -6.54 5.96
N LEU A 163 -6.87 -6.89 5.47
CA LEU A 163 -5.65 -6.33 6.05
C LEU A 163 -5.62 -4.81 5.91
N ALA A 164 -5.92 -4.30 4.71
CA ALA A 164 -5.85 -2.86 4.49
C ALA A 164 -6.90 -2.13 5.30
N ALA A 165 -8.08 -2.74 5.51
CA ALA A 165 -9.12 -2.07 6.27
C ALA A 165 -8.67 -1.71 7.67
N GLN A 166 -7.65 -2.37 8.20
CA GLN A 166 -7.10 -2.00 9.49
C GLN A 166 -5.66 -1.53 9.38
N GLN A 167 -5.25 -1.11 8.20
CA GLN A 167 -3.89 -0.62 7.97
C GLN A 167 -2.84 -1.59 8.50
N VAL A 168 -3.09 -2.88 8.35
CA VAL A 168 -2.07 -3.89 8.59
C VAL A 168 -1.35 -4.12 7.27
N SER A 169 -0.06 -3.88 7.28
CA SER A 169 0.72 -3.94 6.06
C SER A 169 0.93 -5.38 5.64
N CYS A 170 0.78 -5.63 4.34
CA CYS A 170 1.00 -6.94 3.77
C CYS A 170 2.50 -7.13 3.48
N ALA A 171 3.10 -8.13 4.10
CA ALA A 171 4.49 -8.40 3.78
C ALA A 171 4.64 -9.18 2.50
N GLY A 172 3.53 -9.51 1.84
CA GLY A 172 3.54 -10.32 0.65
C GLY A 172 2.82 -11.63 0.84
N LEU A 173 2.76 -12.39 -0.25
CA LEU A 173 2.12 -13.70 -0.26
C LEU A 173 3.19 -14.78 -0.33
N VAL A 174 2.83 -15.97 0.18
CA VAL A 174 3.56 -17.19 -0.12
C VAL A 174 2.58 -18.23 -0.62
N ILE A 175 2.91 -18.89 -1.73
CA ILE A 175 2.13 -20.02 -2.21
C ILE A 175 2.56 -21.25 -1.43
N GLY A 176 1.62 -21.81 -0.66
CA GLY A 176 1.94 -22.93 0.23
C GLY A 176 2.34 -24.20 -0.49
N SER A 177 1.85 -24.40 -1.70
CA SER A 177 2.15 -25.63 -2.42
C SER A 177 2.11 -25.34 -3.90
N TRP A 178 3.26 -25.49 -4.56
CA TRP A 178 3.40 -25.19 -5.98
C TRP A 178 3.64 -26.50 -6.73
N PRO A 179 2.79 -26.86 -7.67
CA PRO A 179 2.87 -28.18 -8.28
C PRO A 179 3.97 -28.25 -9.33
N ASP A 180 4.67 -29.39 -9.37
CA ASP A 180 5.63 -29.61 -10.44
C ASP A 180 5.13 -30.73 -11.34
N PRO A 181 4.71 -30.44 -12.59
CA PRO A 181 4.65 -29.12 -13.24
C PRO A 181 3.30 -28.44 -13.03
N PRO A 182 3.22 -27.14 -13.32
CA PRO A 182 1.96 -26.42 -13.10
C PRO A 182 1.00 -26.55 -14.29
N GLY A 183 -0.28 -26.66 -13.97
CA GLY A 183 -1.33 -26.65 -14.97
C GLY A 183 -1.60 -25.24 -15.49
N LEU A 184 -2.59 -25.16 -16.39
CA LEU A 184 -2.93 -23.85 -16.92
C LEU A 184 -3.42 -22.92 -15.82
N VAL A 185 -4.25 -23.43 -14.90
CA VAL A 185 -4.78 -22.57 -13.84
C VAL A 185 -3.65 -22.15 -12.89
N ALA A 186 -2.83 -23.11 -12.46
CA ALA A 186 -1.72 -22.83 -11.55
C ALA A 186 -0.87 -21.69 -12.06
N ALA A 187 -0.50 -21.73 -13.34
CA ALA A 187 0.37 -20.67 -13.86
C ALA A 187 -0.38 -19.35 -13.91
N SER A 188 -1.61 -19.38 -14.42
CA SER A 188 -2.45 -18.20 -14.48
C SER A 188 -2.59 -17.54 -13.11
N ASN A 189 -2.88 -18.35 -12.09
CA ASN A 189 -3.03 -17.80 -10.73
C ASN A 189 -1.74 -17.16 -10.25
N ARG A 190 -0.60 -17.84 -10.42
CA ARG A 190 0.67 -17.31 -9.96
C ARG A 190 0.95 -15.95 -10.55
N SER A 191 0.70 -15.80 -11.86
CA SER A 191 0.95 -14.50 -12.49
C SER A 191 -0.02 -13.44 -12.00
N ALA A 192 -1.28 -13.83 -11.78
CA ALA A 192 -2.27 -12.86 -11.31
C ALA A 192 -2.03 -12.49 -9.84
N LEU A 193 -1.69 -13.49 -9.02
CA LEU A 193 -1.25 -13.23 -7.65
C LEU A 193 -0.11 -12.22 -7.63
N ALA A 194 0.92 -12.42 -8.48
CA ALA A 194 2.02 -11.47 -8.51
C ALA A 194 1.57 -10.06 -8.88
N ARG A 195 0.44 -9.92 -9.56
CA ARG A 195 0.00 -8.56 -9.89
C ARG A 195 -0.73 -7.89 -8.73
N ILE A 196 -1.30 -8.66 -7.80
CA ILE A 196 -1.98 -8.02 -6.67
C ILE A 196 -1.08 -7.85 -5.45
N ALA A 197 -0.02 -8.65 -5.33
CA ALA A 197 0.96 -8.47 -4.27
C ALA A 197 2.25 -9.18 -4.67
N MET A 198 3.31 -8.91 -3.90
CA MET A 198 4.57 -9.61 -4.14
C MET A 198 4.46 -11.04 -3.66
N VAL A 199 4.92 -11.97 -4.48
CA VAL A 199 4.91 -13.39 -4.17
C VAL A 199 6.28 -13.70 -3.58
N ARG A 200 6.40 -13.68 -2.24
CA ARG A 200 7.71 -13.84 -1.62
C ARG A 200 8.35 -15.17 -1.94
N ALA A 201 7.56 -16.20 -2.24
CA ALA A 201 8.08 -17.53 -2.52
C ALA A 201 6.93 -18.43 -2.95
N ALA A 202 7.29 -19.54 -3.58
CA ALA A 202 6.35 -20.55 -4.02
C ALA A 202 6.93 -21.86 -3.54
N LEU A 203 6.50 -22.33 -2.38
CA LEU A 203 7.08 -23.56 -1.85
C LEU A 203 6.70 -24.72 -2.76
N PRO A 204 7.64 -25.63 -3.04
CA PRO A 204 7.30 -26.80 -3.87
C PRO A 204 6.32 -27.71 -3.18
N ALA A 205 5.40 -28.26 -3.96
CA ALA A 205 4.48 -29.27 -3.45
C ALA A 205 5.27 -30.35 -2.72
N GLY A 206 4.70 -30.82 -1.60
CA GLY A 206 5.36 -31.80 -0.78
C GLY A 206 6.46 -31.26 0.11
N ALA A 207 6.64 -29.93 0.16
CA ALA A 207 7.70 -29.35 0.97
C ALA A 207 7.75 -29.90 2.37
N ALA A 208 6.58 -30.24 2.96
CA ALA A 208 6.53 -30.70 4.35
C ALA A 208 7.00 -32.12 4.54
N SER A 209 7.09 -32.93 3.48
CA SER A 209 7.62 -34.29 3.64
C SER A 209 9.14 -34.31 3.62
N LEU A 210 9.78 -33.21 3.22
CA LEU A 210 11.24 -33.12 3.23
C LEU A 210 11.81 -33.31 4.63
N ASP A 211 13.06 -33.76 4.68
CA ASP A 211 13.77 -33.86 5.94
C ASP A 211 14.54 -32.56 6.17
N ALA A 212 15.19 -32.47 7.34
CA ALA A 212 15.91 -31.28 7.76
C ALA A 212 16.69 -30.58 6.64
N GLY A 213 17.63 -31.31 6.03
CA GLY A 213 18.51 -30.69 5.06
C GLY A 213 17.83 -30.38 3.75
N ASP A 214 17.00 -31.31 3.25
CA ASP A 214 16.18 -31.00 2.09
C ASP A 214 15.33 -29.75 2.35
N PHE A 215 14.76 -29.67 3.56
CA PHE A 215 13.88 -28.54 3.87
C PHE A 215 14.68 -27.25 3.95
N ALA A 216 15.86 -27.29 4.58
CA ALA A 216 16.66 -26.08 4.69
C ALA A 216 17.13 -25.59 3.33
N ALA A 217 17.44 -26.51 2.41
CA ALA A 217 17.86 -26.09 1.07
C ALA A 217 16.69 -25.52 0.28
N MET A 218 15.58 -26.24 0.26
CA MET A 218 14.35 -25.69 -0.29
C MET A 218 14.06 -24.31 0.29
N SER A 219 14.18 -24.16 1.61
CA SER A 219 13.86 -22.87 2.23
C SER A 219 14.81 -21.78 1.78
N ALA A 220 16.11 -22.08 1.72
CA ALA A 220 17.08 -21.08 1.28
C ALA A 220 16.80 -20.67 -0.17
N ALA A 221 16.37 -21.61 -1.01
CA ALA A 221 16.06 -21.28 -2.40
C ALA A 221 14.72 -20.55 -2.53
N ALA A 222 13.69 -20.98 -1.78
CA ALA A 222 12.35 -20.42 -1.92
C ALA A 222 12.33 -18.91 -1.89
N PHE A 223 12.99 -18.31 -0.89
CA PHE A 223 12.85 -16.90 -0.61
C PHE A 223 14.01 -16.11 -1.21
N ASP A 224 13.73 -14.86 -1.58
CA ASP A 224 14.82 -13.97 -1.93
C ASP A 224 15.64 -13.68 -0.68
N ARG A 225 16.92 -14.10 -0.71
CA ARG A 225 17.83 -13.85 0.41
C ARG A 225 17.75 -12.40 0.88
N ASN A 226 17.72 -11.45 -0.05
CA ASN A 226 17.81 -10.04 0.35
C ASN A 226 16.53 -9.55 1.01
N TRP A 227 15.36 -10.13 0.66
CA TRP A 227 14.12 -9.77 1.36
C TRP A 227 14.10 -10.35 2.77
N VAL A 228 14.52 -11.60 2.90
CA VAL A 228 14.59 -12.23 4.21
C VAL A 228 15.51 -11.43 5.12
N ALA A 229 16.77 -11.27 4.70
CA ALA A 229 17.73 -10.47 5.44
C ALA A 229 17.19 -9.08 5.77
N GLY A 230 16.38 -8.52 4.90
CA GLY A 230 15.80 -7.21 5.15
C GLY A 230 14.69 -7.18 6.17
N LEU A 231 14.24 -8.31 6.70
CA LEU A 231 13.12 -8.28 7.62
C LEU A 231 13.51 -7.86 9.03
N VAL A 232 14.79 -8.01 9.38
CA VAL A 232 15.27 -7.78 10.73
C VAL A 232 16.57 -6.99 10.64
N GLY A 233 16.64 -5.87 11.36
CA GLY A 233 17.87 -5.10 11.41
C GLY A 233 18.67 -5.32 12.69
N GLY B 7 -38.19 0.73 -10.32
CA GLY B 7 -38.01 -0.58 -10.94
C GLY B 7 -38.53 -1.72 -10.09
N GLY B 8 -37.79 -2.82 -10.06
CA GLY B 8 -38.11 -3.96 -9.21
C GLY B 8 -37.04 -4.19 -8.18
N THR B 9 -36.88 -5.44 -7.74
CA THR B 9 -35.85 -5.83 -6.77
C THR B 9 -34.72 -6.55 -7.49
N ILE B 10 -33.51 -5.98 -7.43
CA ILE B 10 -32.30 -6.61 -7.95
C ILE B 10 -31.52 -7.22 -6.79
N LEU B 11 -31.10 -8.46 -6.96
CA LEU B 11 -30.33 -9.18 -5.95
C LEU B 11 -29.15 -9.80 -6.65
N VAL B 12 -27.93 -9.46 -6.24
CA VAL B 12 -26.79 -10.22 -6.73
C VAL B 12 -26.63 -11.44 -5.84
N VAL B 13 -26.43 -12.59 -6.47
CA VAL B 13 -26.14 -13.82 -5.75
C VAL B 13 -24.66 -14.10 -5.94
N THR B 14 -23.91 -13.97 -4.86
CA THR B 14 -22.48 -14.21 -4.85
C THR B 14 -22.18 -15.41 -3.94
N GLY B 15 -20.91 -15.67 -3.71
CA GLY B 15 -20.52 -16.75 -2.84
C GLY B 15 -19.16 -16.47 -2.24
N THR B 16 -18.85 -17.21 -1.18
CA THR B 16 -17.54 -17.11 -0.58
C THR B 16 -16.43 -17.48 -1.56
N GLY B 17 -16.76 -18.16 -2.64
CA GLY B 17 -15.75 -18.73 -3.50
C GLY B 17 -16.33 -19.39 -4.74
N THR B 18 -15.58 -20.33 -5.29
CA THR B 18 -16.00 -21.06 -6.47
C THR B 18 -16.49 -22.44 -6.08
N GLY B 19 -17.45 -22.95 -6.85
CA GLY B 19 -17.99 -24.28 -6.57
C GLY B 19 -18.70 -24.38 -5.24
N VAL B 20 -19.19 -23.26 -4.70
CA VAL B 20 -19.87 -23.28 -3.40
C VAL B 20 -21.38 -23.40 -3.54
N GLY B 21 -21.90 -23.45 -4.76
CA GLY B 21 -23.31 -23.58 -5.01
C GLY B 21 -24.01 -22.32 -5.45
N LYS B 22 -23.32 -21.38 -6.09
CA LYS B 22 -23.98 -20.15 -6.51
C LYS B 22 -25.08 -20.44 -7.51
N THR B 23 -24.82 -21.32 -8.48
CA THR B 23 -25.81 -21.54 -9.51
C THR B 23 -27.05 -22.24 -8.95
N VAL B 24 -26.85 -23.28 -8.16
CA VAL B 24 -27.99 -24.03 -7.62
C VAL B 24 -28.84 -23.14 -6.74
N VAL B 25 -28.21 -22.18 -6.06
CA VAL B 25 -28.94 -21.28 -5.18
C VAL B 25 -29.75 -20.26 -5.97
N CYS B 26 -29.17 -19.69 -7.04
CA CYS B 26 -30.00 -18.88 -7.94
C CYS B 26 -31.24 -19.67 -8.35
N ALA B 27 -31.02 -20.89 -8.88
CA ALA B 27 -32.14 -21.67 -9.37
C ALA B 27 -33.13 -21.93 -8.26
N ALA B 28 -32.63 -22.25 -7.05
CA ALA B 28 -33.51 -22.54 -5.91
C ALA B 28 -34.32 -21.31 -5.52
N LEU B 29 -33.66 -20.18 -5.30
CA LEU B 29 -34.39 -18.97 -4.93
C LEU B 29 -35.28 -18.51 -6.06
N ALA B 30 -34.85 -18.66 -7.32
CA ALA B 30 -35.73 -18.37 -8.45
C ALA B 30 -36.97 -19.25 -8.41
N SER B 31 -36.79 -20.55 -8.18
CA SER B 31 -37.91 -21.49 -8.12
C SER B 31 -38.85 -21.17 -6.97
N ALA B 32 -38.30 -20.89 -5.79
CA ALA B 32 -39.16 -20.51 -4.67
C ALA B 32 -39.87 -19.19 -4.94
N ALA B 33 -39.16 -18.22 -5.51
CA ALA B 33 -39.79 -16.93 -5.82
C ALA B 33 -40.82 -17.08 -6.93
N ARG B 34 -40.57 -17.95 -7.91
CA ARG B 34 -41.61 -18.22 -8.89
C ARG B 34 -42.82 -18.86 -8.23
N GLN B 35 -42.61 -19.79 -7.30
CA GLN B 35 -43.74 -20.44 -6.64
C GLN B 35 -44.53 -19.48 -5.77
N ALA B 36 -43.99 -18.30 -5.49
CA ALA B 36 -44.71 -17.23 -4.81
C ALA B 36 -45.33 -16.24 -5.80
N GLY B 37 -45.41 -16.62 -7.08
CA GLY B 37 -45.93 -15.72 -8.08
C GLY B 37 -45.06 -14.53 -8.42
N ILE B 38 -43.75 -14.62 -8.20
CA ILE B 38 -42.84 -13.54 -8.54
C ILE B 38 -42.22 -13.83 -9.89
N ASP B 39 -42.24 -12.84 -10.77
CA ASP B 39 -41.48 -12.91 -11.99
C ASP B 39 -39.98 -12.88 -11.67
N VAL B 40 -39.21 -13.75 -12.31
CA VAL B 40 -37.81 -13.92 -11.98
C VAL B 40 -36.99 -13.84 -13.26
N ALA B 41 -36.02 -12.95 -13.29
CA ALA B 41 -35.01 -12.95 -14.33
C ALA B 41 -33.67 -13.24 -13.68
N VAL B 42 -32.80 -13.95 -14.39
CA VAL B 42 -31.46 -14.21 -13.90
C VAL B 42 -30.46 -13.73 -14.94
N CYS B 43 -29.54 -12.86 -14.53
CA CYS B 43 -28.52 -12.34 -15.42
C CYS B 43 -27.19 -12.95 -15.00
N LYS B 44 -26.57 -13.68 -15.91
CA LYS B 44 -25.21 -14.19 -15.76
C LYS B 44 -24.34 -13.45 -16.78
N PRO B 45 -23.75 -12.30 -16.42
CA PRO B 45 -22.99 -11.51 -17.39
C PRO B 45 -21.92 -12.33 -18.09
N VAL B 46 -20.99 -12.91 -17.33
CA VAL B 46 -19.84 -13.63 -17.86
C VAL B 46 -19.89 -15.08 -17.40
N GLN B 47 -19.71 -15.99 -18.36
CA GLN B 47 -19.76 -17.43 -18.16
C GLN B 47 -18.46 -18.01 -18.71
N THR B 48 -17.83 -18.94 -17.97
CA THR B 48 -16.62 -19.62 -18.44
C THR B 48 -16.79 -21.12 -18.31
N GLY B 49 -15.74 -21.87 -18.68
CA GLY B 49 -15.85 -23.31 -18.72
C GLY B 49 -16.87 -23.81 -19.72
N THR B 50 -17.09 -23.07 -20.81
CA THR B 50 -18.07 -23.52 -21.78
C THR B 50 -17.54 -24.66 -22.64
N ALA B 51 -16.22 -24.85 -22.70
CA ALA B 51 -15.67 -25.96 -23.46
C ALA B 51 -16.13 -27.29 -22.90
N ARG B 52 -16.29 -27.37 -21.58
CA ARG B 52 -16.64 -28.60 -20.90
C ARG B 52 -18.13 -28.66 -20.54
N GLY B 53 -18.94 -27.72 -21.00
CA GLY B 53 -20.38 -27.78 -20.82
C GLY B 53 -20.97 -26.84 -19.79
N ASP B 54 -20.19 -25.91 -19.24
CA ASP B 54 -20.75 -25.03 -18.23
C ASP B 54 -21.76 -24.09 -18.87
N ASP B 55 -22.95 -24.04 -18.29
CA ASP B 55 -23.98 -23.11 -18.72
C ASP B 55 -24.89 -22.90 -17.50
N ASP B 56 -24.57 -21.88 -16.72
CA ASP B 56 -25.29 -21.72 -15.46
C ASP B 56 -26.72 -21.26 -15.71
N LEU B 57 -26.94 -20.48 -16.77
CA LEU B 57 -28.29 -20.03 -17.10
C LEU B 57 -29.14 -21.20 -17.57
N ALA B 58 -28.55 -22.16 -18.27
CA ALA B 58 -29.33 -23.35 -18.63
C ALA B 58 -29.81 -24.09 -17.39
N GLU B 59 -28.92 -24.27 -16.40
CA GLU B 59 -29.29 -24.94 -15.16
C GLU B 59 -30.48 -24.24 -14.48
N VAL B 60 -30.41 -22.91 -14.37
CA VAL B 60 -31.50 -22.15 -13.79
C VAL B 60 -32.78 -22.38 -14.60
N GLY B 61 -32.67 -22.37 -15.92
CA GLY B 61 -33.82 -22.65 -16.76
C GLY B 61 -34.42 -24.00 -16.44
N ARG B 62 -33.58 -25.03 -16.47
CA ARG B 62 -34.07 -26.39 -16.30
C ARG B 62 -34.60 -26.60 -14.88
N LEU B 63 -33.81 -26.23 -13.87
CA LEU B 63 -34.23 -26.47 -12.50
C LEU B 63 -35.43 -25.61 -12.10
N ALA B 64 -35.43 -24.33 -12.49
CA ALA B 64 -36.40 -23.37 -11.97
C ALA B 64 -37.42 -22.90 -13.01
N GLY B 65 -37.26 -23.24 -14.29
CA GLY B 65 -38.20 -22.77 -15.28
C GLY B 65 -38.10 -21.31 -15.63
N VAL B 66 -37.05 -20.62 -15.17
CA VAL B 66 -36.88 -19.23 -15.57
C VAL B 66 -36.62 -19.18 -17.07
N THR B 67 -37.26 -18.21 -17.72
CA THR B 67 -37.10 -17.96 -19.16
C THR B 67 -36.35 -16.70 -19.47
N GLN B 68 -36.42 -15.68 -18.61
CA GLN B 68 -35.66 -14.46 -18.80
C GLN B 68 -34.25 -14.68 -18.26
N LEU B 69 -33.34 -15.09 -19.16
CA LEU B 69 -32.00 -15.56 -18.84
C LEU B 69 -31.00 -14.81 -19.70
N ALA B 70 -30.23 -13.91 -19.11
CA ALA B 70 -29.52 -12.85 -19.82
C ALA B 70 -28.02 -12.95 -19.61
N GLY B 71 -27.26 -12.99 -20.72
CA GLY B 71 -25.82 -13.13 -20.67
C GLY B 71 -25.15 -12.27 -21.72
N LEU B 72 -23.86 -12.01 -21.52
CA LEU B 72 -23.08 -11.18 -22.43
C LEU B 72 -21.87 -11.84 -23.02
N ALA B 73 -21.30 -12.85 -22.37
CA ALA B 73 -20.02 -13.38 -22.81
C ALA B 73 -19.85 -14.81 -22.31
N ARG B 74 -19.15 -15.60 -23.13
CA ARG B 74 -18.87 -16.99 -22.82
C ARG B 74 -17.43 -17.29 -23.17
N TYR B 75 -16.71 -17.88 -22.23
CA TYR B 75 -15.37 -18.31 -22.50
C TYR B 75 -15.23 -19.81 -22.28
N PRO B 76 -14.47 -20.50 -23.13
CA PRO B 76 -14.34 -21.96 -23.00
C PRO B 76 -13.46 -22.44 -21.86
N GLN B 77 -12.45 -21.67 -21.49
CA GLN B 77 -11.50 -22.11 -20.46
C GLN B 77 -12.16 -22.11 -19.08
N PRO B 78 -12.09 -23.22 -18.32
CA PRO B 78 -12.70 -23.25 -16.97
C PRO B 78 -11.89 -22.47 -15.94
N MET B 79 -11.76 -21.17 -16.17
CA MET B 79 -10.94 -20.29 -15.35
C MET B 79 -11.75 -19.08 -14.94
N ALA B 80 -11.17 -18.30 -14.03
CA ALA B 80 -11.76 -17.01 -13.69
C ALA B 80 -11.89 -16.15 -14.94
N PRO B 81 -12.94 -15.32 -15.01
CA PRO B 81 -13.19 -14.55 -16.25
C PRO B 81 -11.98 -13.82 -16.82
N ALA B 82 -11.13 -13.22 -15.98
CA ALA B 82 -10.04 -12.44 -16.55
C ALA B 82 -8.98 -13.34 -17.19
N ALA B 83 -8.83 -14.56 -16.68
CA ALA B 83 -7.89 -15.54 -17.21
C ALA B 83 -8.45 -16.32 -18.39
N ALA B 84 -9.74 -16.62 -18.38
CA ALA B 84 -10.33 -17.24 -19.56
C ALA B 84 -10.30 -16.27 -20.72
N ALA B 85 -10.51 -14.98 -20.44
CA ALA B 85 -10.51 -13.98 -21.50
C ALA B 85 -9.09 -13.70 -21.99
N GLU B 86 -8.15 -13.58 -21.05
CA GLU B 86 -6.72 -13.56 -21.39
C GLU B 86 -6.37 -14.69 -22.35
N HIS B 87 -6.65 -15.92 -21.92
CA HIS B 87 -6.33 -17.10 -22.73
C HIS B 87 -7.05 -17.07 -24.08
N ALA B 88 -8.27 -16.49 -24.12
CA ALA B 88 -9.06 -16.44 -25.34
C ALA B 88 -8.66 -15.30 -26.26
N GLY B 89 -7.94 -14.31 -25.74
CA GLY B 89 -7.53 -13.16 -26.49
C GLY B 89 -8.57 -12.09 -26.68
N MET B 90 -9.64 -12.07 -25.87
CA MET B 90 -10.67 -11.04 -26.00
C MET B 90 -11.08 -10.50 -24.65
N ALA B 91 -11.10 -9.17 -24.54
CA ALA B 91 -11.50 -8.45 -23.34
C ALA B 91 -12.77 -9.01 -22.72
N LEU B 92 -12.96 -8.77 -21.42
CA LEU B 92 -14.26 -9.00 -20.80
C LEU B 92 -15.23 -7.95 -21.32
N PRO B 93 -16.54 -8.16 -21.14
CA PRO B 93 -17.51 -7.09 -21.45
C PRO B 93 -17.17 -5.81 -20.68
N ALA B 94 -17.87 -4.75 -21.04
CA ALA B 94 -17.69 -3.46 -20.38
C ALA B 94 -18.55 -3.36 -19.12
N ARG B 95 -18.03 -2.66 -18.12
CA ARG B 95 -18.82 -2.34 -16.94
C ARG B 95 -20.20 -1.83 -17.36
N ASP B 96 -20.23 -0.88 -18.31
CA ASP B 96 -21.49 -0.34 -18.83
C ASP B 96 -22.42 -1.43 -19.34
N GLN B 97 -21.90 -2.40 -20.10
CA GLN B 97 -22.76 -3.44 -20.65
C GLN B 97 -23.46 -4.20 -19.55
N ILE B 98 -22.71 -4.56 -18.50
CA ILE B 98 -23.26 -5.36 -17.42
C ILE B 98 -24.32 -4.57 -16.65
N VAL B 99 -23.97 -3.38 -16.20
CA VAL B 99 -24.91 -2.54 -15.45
C VAL B 99 -26.16 -2.26 -16.27
N ARG B 100 -26.00 -1.94 -17.57
CA ARG B 100 -27.16 -1.62 -18.40
C ARG B 100 -28.00 -2.85 -18.66
N LEU B 101 -27.37 -4.00 -18.93
CA LEU B 101 -28.13 -5.22 -19.10
C LEU B 101 -29.00 -5.50 -17.88
N ILE B 102 -28.41 -5.38 -16.69
CA ILE B 102 -29.13 -5.67 -15.46
C ILE B 102 -30.24 -4.65 -15.22
N ALA B 103 -29.98 -3.38 -15.53
CA ALA B 103 -31.03 -2.36 -15.35
C ALA B 103 -32.17 -2.57 -16.33
N ASP B 104 -31.85 -2.89 -17.59
CA ASP B 104 -32.89 -3.22 -18.55
C ASP B 104 -33.69 -4.44 -18.10
N LEU B 105 -33.04 -5.43 -17.46
CA LEU B 105 -33.76 -6.60 -16.95
C LEU B 105 -34.70 -6.20 -15.82
N ASP B 106 -34.27 -5.28 -14.98
CA ASP B 106 -35.05 -4.89 -13.82
C ASP B 106 -36.36 -4.22 -14.25
N ARG B 107 -37.46 -4.73 -13.69
CA ARG B 107 -38.79 -4.16 -13.88
C ARG B 107 -39.60 -4.40 -12.60
N PRO B 108 -40.61 -3.57 -12.35
CA PRO B 108 -41.36 -3.71 -11.09
C PRO B 108 -42.10 -5.03 -11.02
N GLY B 109 -42.15 -5.61 -9.82
CA GLY B 109 -42.78 -6.89 -9.63
C GLY B 109 -41.90 -8.08 -9.95
N ARG B 110 -40.68 -7.86 -10.42
CA ARG B 110 -39.78 -8.93 -10.83
C ARG B 110 -38.57 -8.97 -9.90
N LEU B 111 -38.19 -10.20 -9.50
CA LEU B 111 -36.94 -10.45 -8.82
C LEU B 111 -35.89 -10.74 -9.88
N THR B 112 -34.92 -9.83 -10.03
CA THR B 112 -33.79 -10.02 -10.95
C THR B 112 -32.57 -10.48 -10.17
N LEU B 113 -32.16 -11.71 -10.40
CA LEU B 113 -30.97 -12.27 -9.79
C LEU B 113 -29.77 -12.08 -10.72
N VAL B 114 -28.64 -11.68 -10.15
CA VAL B 114 -27.42 -11.43 -10.87
C VAL B 114 -26.36 -12.36 -10.29
N GLU B 115 -25.85 -13.28 -11.10
CA GLU B 115 -24.90 -14.27 -10.63
C GLU B 115 -23.51 -13.97 -11.18
N GLY B 116 -22.52 -13.92 -10.30
CA GLY B 116 -21.16 -13.66 -10.72
C GLY B 116 -20.43 -14.91 -11.18
N ALA B 117 -19.12 -14.82 -11.10
CA ALA B 117 -18.23 -15.95 -11.32
C ALA B 117 -17.27 -16.02 -10.14
N GLY B 118 -17.10 -17.22 -9.58
CA GLY B 118 -16.34 -17.30 -8.36
C GLY B 118 -16.94 -16.44 -7.27
N GLY B 119 -16.06 -15.89 -6.41
CA GLY B 119 -16.47 -15.10 -5.27
C GLY B 119 -16.72 -13.64 -5.60
N LEU B 120 -16.90 -12.84 -4.54
CA LEU B 120 -17.39 -11.47 -4.68
C LEU B 120 -16.43 -10.57 -5.44
N LEU B 121 -15.12 -10.72 -5.21
CA LEU B 121 -14.16 -9.75 -5.70
C LEU B 121 -13.50 -10.19 -6.99
N VAL B 122 -14.14 -11.04 -7.74
CA VAL B 122 -13.60 -11.50 -9.01
C VAL B 122 -13.81 -10.43 -10.08
N GLU B 123 -12.84 -10.30 -10.97
CA GLU B 123 -12.98 -9.34 -12.04
C GLU B 123 -13.99 -9.88 -13.05
N LEU B 124 -14.97 -9.06 -13.40
CA LEU B 124 -15.98 -9.44 -14.38
C LEU B 124 -16.00 -8.55 -15.59
N ALA B 125 -15.53 -7.30 -15.47
CA ALA B 125 -15.56 -6.36 -16.58
C ALA B 125 -14.24 -5.58 -16.63
N GLU B 126 -14.09 -4.84 -17.70
CA GLU B 126 -12.96 -3.94 -17.84
C GLU B 126 -13.22 -2.67 -17.02
N PRO B 127 -12.25 -2.21 -16.19
CA PRO B 127 -11.01 -2.87 -15.78
C PRO B 127 -11.00 -3.14 -14.27
N GLY B 128 -10.91 -4.40 -13.86
CA GLY B 128 -11.03 -4.71 -12.45
C GLY B 128 -12.38 -4.39 -11.84
N VAL B 129 -13.45 -4.48 -12.63
CA VAL B 129 -14.81 -4.30 -12.12
C VAL B 129 -15.28 -5.62 -11.52
N THR B 130 -15.83 -5.56 -10.32
CA THR B 130 -16.30 -6.77 -9.64
C THR B 130 -17.81 -6.76 -9.54
N LEU B 131 -18.34 -7.93 -9.13
CA LEU B 131 -19.75 -8.02 -8.78
C LEU B 131 -20.10 -7.07 -7.63
N ARG B 132 -19.13 -6.71 -6.79
CA ARG B 132 -19.39 -5.71 -5.77
C ARG B 132 -19.67 -4.35 -6.40
N ASP B 133 -18.83 -3.95 -7.37
CA ASP B 133 -19.02 -2.69 -8.08
C ASP B 133 -20.37 -2.67 -8.79
N VAL B 134 -20.77 -3.80 -9.37
CA VAL B 134 -22.05 -3.88 -10.05
C VAL B 134 -23.20 -3.80 -9.06
N ALA B 135 -23.06 -4.44 -7.88
CA ALA B 135 -24.12 -4.31 -6.87
C ALA B 135 -24.29 -2.87 -6.45
N VAL B 136 -23.18 -2.13 -6.37
CA VAL B 136 -23.23 -0.71 -6.09
C VAL B 136 -24.01 0.02 -7.18
N ASP B 137 -23.55 -0.12 -8.42
CA ASP B 137 -24.11 0.67 -9.52
C ASP B 137 -25.61 0.48 -9.68
N VAL B 138 -26.12 -0.74 -9.47
CA VAL B 138 -27.55 -1.00 -9.63
C VAL B 138 -28.27 -1.04 -8.29
N ALA B 139 -27.62 -0.60 -7.21
CA ALA B 139 -28.22 -0.52 -5.88
C ALA B 139 -28.82 -1.86 -5.48
N ALA B 140 -28.07 -2.92 -5.73
CA ALA B 140 -28.55 -4.26 -5.40
C ALA B 140 -27.95 -4.71 -4.08
N ALA B 141 -28.74 -5.46 -3.31
CA ALA B 141 -28.22 -6.20 -2.16
C ALA B 141 -27.60 -7.51 -2.62
N ALA B 142 -26.79 -8.12 -1.75
CA ALA B 142 -26.13 -9.38 -2.08
C ALA B 142 -26.63 -10.50 -1.19
N LEU B 143 -26.94 -11.63 -1.82
CA LEU B 143 -27.09 -12.91 -1.16
C LEU B 143 -25.76 -13.66 -1.29
N VAL B 144 -25.25 -14.19 -0.18
CA VAL B 144 -23.91 -14.78 -0.15
C VAL B 144 -24.04 -16.29 0.03
N VAL B 145 -23.61 -17.04 -0.97
CA VAL B 145 -23.64 -18.49 -0.86
C VAL B 145 -22.41 -18.96 -0.11
N VAL B 146 -22.60 -19.92 0.80
CA VAL B 146 -21.52 -20.38 1.65
C VAL B 146 -21.58 -21.90 1.77
N THR B 147 -20.47 -22.49 2.17
CA THR B 147 -20.45 -23.92 2.40
C THR B 147 -20.59 -24.20 3.89
N ALA B 148 -20.85 -25.46 4.19
CA ALA B 148 -20.87 -25.94 5.55
C ALA B 148 -19.51 -26.46 6.00
N ASP B 149 -18.50 -26.38 5.13
CA ASP B 149 -17.25 -27.08 5.38
C ASP B 149 -16.24 -26.26 6.17
N LEU B 150 -15.29 -26.97 6.75
CA LEU B 150 -14.21 -26.34 7.48
C LEU B 150 -13.53 -25.29 6.61
N GLY B 151 -13.44 -24.07 7.11
CA GLY B 151 -12.96 -22.95 6.34
C GLY B 151 -14.02 -21.91 6.04
N THR B 152 -15.31 -22.27 6.15
CA THR B 152 -16.36 -21.39 5.66
C THR B 152 -16.50 -20.12 6.51
N LEU B 153 -16.16 -20.21 7.80
CA LEU B 153 -16.38 -19.07 8.68
C LEU B 153 -15.49 -17.89 8.28
N ASN B 154 -14.18 -18.13 8.12
CA ASN B 154 -13.29 -17.06 7.68
C ASN B 154 -13.77 -16.48 6.35
N HIS B 155 -14.02 -17.34 5.35
CA HIS B 155 -14.48 -16.87 4.04
C HIS B 155 -15.76 -16.06 4.15
N THR B 156 -16.71 -16.49 4.98
CA THR B 156 -17.96 -15.73 5.09
C THR B 156 -17.70 -14.36 5.71
N LYS B 157 -16.98 -14.35 6.84
CA LYS B 157 -16.61 -13.09 7.50
C LYS B 157 -15.83 -12.17 6.54
N LEU B 158 -14.95 -12.73 5.72
CA LEU B 158 -14.22 -11.92 4.74
C LEU B 158 -15.17 -11.31 3.72
N THR B 159 -16.13 -12.10 3.26
CA THR B 159 -17.01 -11.65 2.19
C THR B 159 -17.97 -10.58 2.70
N LEU B 160 -18.54 -10.79 3.89
CA LEU B 160 -19.44 -9.80 4.50
C LEU B 160 -18.73 -8.47 4.74
N GLU B 161 -17.47 -8.52 5.19
CA GLU B 161 -16.70 -7.30 5.36
C GLU B 161 -16.57 -6.55 4.04
N ALA B 162 -16.25 -7.28 2.98
CA ALA B 162 -16.06 -6.63 1.69
C ALA B 162 -17.35 -6.00 1.21
N LEU B 163 -18.49 -6.62 1.53
CA LEU B 163 -19.79 -6.02 1.28
C LEU B 163 -19.99 -4.73 2.05
N ALA B 164 -19.81 -4.78 3.38
CA ALA B 164 -20.01 -3.60 4.21
C ALA B 164 -19.10 -2.46 3.79
N ALA B 165 -17.87 -2.78 3.40
CA ALA B 165 -16.92 -1.73 3.05
C ALA B 165 -17.41 -0.87 1.90
N GLN B 166 -18.32 -1.36 1.07
CA GLN B 166 -18.92 -0.57 0.00
C GLN B 166 -20.41 -0.36 0.19
N GLN B 167 -20.90 -0.42 1.43
CA GLN B 167 -22.31 -0.18 1.76
C GLN B 167 -23.24 -0.99 0.87
N VAL B 168 -22.83 -2.19 0.51
CA VAL B 168 -23.71 -3.16 -0.12
C VAL B 168 -24.35 -4.00 0.98
N SER B 169 -25.67 -3.96 1.03
CA SER B 169 -26.43 -4.66 2.04
C SER B 169 -26.32 -6.17 1.83
N CYS B 170 -26.41 -6.91 2.94
CA CYS B 170 -26.31 -8.37 2.89
C CYS B 170 -27.68 -8.99 3.12
N ALA B 171 -28.27 -9.56 2.06
CA ALA B 171 -29.59 -10.19 2.15
C ALA B 171 -29.58 -11.51 2.88
N GLY B 172 -28.41 -12.01 3.25
CA GLY B 172 -28.28 -13.19 4.07
C GLY B 172 -27.34 -14.21 3.45
N LEU B 173 -27.29 -15.37 4.08
CA LEU B 173 -26.48 -16.48 3.62
C LEU B 173 -27.38 -17.63 3.18
N VAL B 174 -26.89 -18.41 2.24
CA VAL B 174 -27.44 -19.71 1.91
C VAL B 174 -26.29 -20.70 1.90
N ILE B 175 -26.48 -21.82 2.57
CA ILE B 175 -25.55 -22.94 2.45
C ILE B 175 -25.94 -23.70 1.19
N GLY B 176 -24.99 -23.85 0.27
CA GLY B 176 -25.31 -24.42 -1.02
C GLY B 176 -25.41 -25.94 -1.03
N SER B 177 -24.75 -26.60 -0.08
CA SER B 177 -24.83 -28.05 0.01
C SER B 177 -24.79 -28.43 1.47
N TRP B 178 -25.95 -28.81 2.01
CA TRP B 178 -26.04 -29.32 3.37
C TRP B 178 -25.82 -30.82 3.34
N PRO B 179 -24.84 -31.34 4.07
CA PRO B 179 -24.52 -32.76 3.93
C PRO B 179 -25.48 -33.63 4.72
N ASP B 180 -25.51 -34.91 4.35
CA ASP B 180 -26.28 -35.91 5.07
C ASP B 180 -25.39 -37.14 5.26
N PRO B 181 -25.10 -37.53 6.50
CA PRO B 181 -25.56 -36.72 7.63
C PRO B 181 -24.61 -35.54 7.89
N PRO B 182 -25.07 -34.51 8.61
CA PRO B 182 -24.23 -33.34 8.90
C PRO B 182 -22.79 -33.65 9.23
N GLY B 183 -22.56 -34.16 10.43
CA GLY B 183 -21.22 -34.20 10.96
C GLY B 183 -20.97 -33.03 11.90
N LEU B 184 -19.90 -33.16 12.69
CA LEU B 184 -19.71 -32.20 13.77
C LEU B 184 -19.41 -30.81 13.21
N VAL B 185 -18.52 -30.75 12.21
CA VAL B 185 -18.07 -29.45 11.71
C VAL B 185 -19.17 -28.73 10.95
N ALA B 186 -19.91 -29.45 10.10
CA ALA B 186 -21.04 -28.87 9.40
C ALA B 186 -22.07 -28.32 10.39
N ALA B 187 -22.41 -29.09 11.41
CA ALA B 187 -23.44 -28.64 12.32
C ALA B 187 -22.95 -27.48 13.18
N SER B 188 -21.67 -27.50 13.57
CA SER B 188 -21.12 -26.37 14.31
C SER B 188 -21.04 -25.12 13.43
N ASN B 189 -20.63 -25.30 12.16
CA ASN B 189 -20.58 -24.17 11.24
C ASN B 189 -21.97 -23.56 11.03
N ARG B 190 -23.00 -24.40 10.94
CA ARG B 190 -24.33 -23.86 10.65
C ARG B 190 -24.78 -22.90 11.76
N SER B 191 -24.51 -23.27 13.02
CA SER B 191 -24.83 -22.36 14.12
C SER B 191 -23.98 -21.11 14.06
N ALA B 192 -22.69 -21.28 13.76
CA ALA B 192 -21.79 -20.13 13.74
C ALA B 192 -22.18 -19.15 12.64
N LEU B 193 -22.40 -19.67 11.43
CA LEU B 193 -22.90 -18.85 10.32
C LEU B 193 -24.16 -18.09 10.72
N ALA B 194 -25.12 -18.80 11.31
CA ALA B 194 -26.35 -18.14 11.74
C ALA B 194 -26.07 -17.01 12.72
N ARG B 195 -24.99 -17.11 13.50
CA ARG B 195 -24.60 -16.00 14.36
C ARG B 195 -24.02 -14.83 13.56
N ILE B 196 -23.61 -15.05 12.32
CA ILE B 196 -22.94 -14.01 11.54
C ILE B 196 -23.91 -13.26 10.65
N ALA B 197 -24.84 -13.97 10.02
CA ALA B 197 -25.88 -13.35 9.20
C ALA B 197 -27.06 -14.31 9.13
N MET B 198 -28.19 -13.81 8.64
CA MET B 198 -29.37 -14.65 8.51
C MET B 198 -29.09 -15.81 7.56
N VAL B 199 -29.27 -17.05 8.03
CA VAL B 199 -29.23 -18.22 7.16
C VAL B 199 -30.62 -18.41 6.54
N ARG B 200 -30.74 -18.08 5.25
CA ARG B 200 -32.01 -18.16 4.56
C ARG B 200 -32.37 -19.56 4.14
N ALA B 201 -31.39 -20.45 3.97
CA ALA B 201 -31.66 -21.79 3.45
C ALA B 201 -30.39 -22.63 3.47
N ALA B 202 -30.56 -23.94 3.44
CA ALA B 202 -29.45 -24.89 3.33
C ALA B 202 -29.90 -25.93 2.33
N LEU B 203 -29.40 -25.81 1.10
CA LEU B 203 -29.82 -26.69 0.03
C LEU B 203 -29.26 -28.08 0.28
N PRO B 204 -30.09 -29.12 0.24
CA PRO B 204 -29.59 -30.46 0.53
C PRO B 204 -28.57 -30.89 -0.51
N ALA B 205 -27.50 -31.53 -0.05
CA ALA B 205 -26.50 -32.07 -0.97
C ALA B 205 -27.16 -32.91 -2.08
N GLY B 206 -26.69 -32.71 -3.30
CA GLY B 206 -27.28 -33.39 -4.41
C GLY B 206 -28.48 -32.72 -5.03
N ALA B 207 -28.95 -31.59 -4.46
CA ALA B 207 -30.11 -30.89 -5.02
C ALA B 207 -29.90 -30.49 -6.47
N ALA B 208 -28.64 -30.36 -6.91
CA ALA B 208 -28.40 -29.95 -8.29
C ALA B 208 -28.77 -31.06 -9.28
N SER B 209 -28.70 -32.32 -8.85
CA SER B 209 -29.04 -33.45 -9.71
C SER B 209 -30.53 -33.72 -9.77
N LEU B 210 -31.34 -32.94 -9.06
CA LEU B 210 -32.78 -33.15 -9.06
C LEU B 210 -33.36 -32.82 -10.43
N ASP B 211 -34.49 -33.45 -10.73
CA ASP B 211 -35.25 -33.04 -11.90
C ASP B 211 -36.09 -31.83 -11.50
N ALA B 212 -36.78 -31.26 -12.49
CA ALA B 212 -37.43 -29.98 -12.29
C ALA B 212 -38.48 -30.04 -11.18
N GLY B 213 -39.29 -31.09 -11.17
CA GLY B 213 -40.38 -31.15 -10.20
C GLY B 213 -39.87 -31.36 -8.78
N ASP B 214 -39.02 -32.37 -8.61
CA ASP B 214 -38.27 -32.56 -7.37
C ASP B 214 -37.61 -31.27 -6.89
N PHE B 215 -36.79 -30.65 -7.75
CA PHE B 215 -36.04 -29.46 -7.37
C PHE B 215 -36.97 -28.34 -6.95
N ALA B 216 -38.07 -28.17 -7.67
CA ALA B 216 -39.06 -27.18 -7.31
C ALA B 216 -39.60 -27.43 -5.92
N ALA B 217 -39.82 -28.71 -5.57
CA ALA B 217 -40.40 -29.01 -4.26
C ALA B 217 -39.38 -28.72 -3.17
N MET B 218 -38.15 -29.18 -3.37
CA MET B 218 -37.03 -28.79 -2.53
C MET B 218 -36.99 -27.28 -2.33
N SER B 219 -36.96 -26.52 -3.45
CA SER B 219 -36.81 -25.06 -3.36
C SER B 219 -37.96 -24.41 -2.62
N ALA B 220 -39.19 -24.86 -2.89
CA ALA B 220 -40.34 -24.33 -2.15
C ALA B 220 -40.14 -24.50 -0.65
N ALA B 221 -39.54 -25.61 -0.25
CA ALA B 221 -39.37 -25.93 1.15
C ALA B 221 -38.07 -25.38 1.74
N ALA B 222 -37.09 -24.98 0.92
CA ALA B 222 -35.80 -24.56 1.48
C ALA B 222 -35.86 -23.17 2.09
N PHE B 223 -36.65 -22.27 1.51
CA PHE B 223 -36.69 -20.88 1.92
C PHE B 223 -37.97 -20.59 2.68
N ASP B 224 -37.92 -19.55 3.48
CA ASP B 224 -39.14 -19.10 4.14
C ASP B 224 -40.06 -18.46 3.11
N ARG B 225 -41.30 -18.94 3.06
CA ARG B 225 -42.31 -18.41 2.15
C ARG B 225 -42.41 -16.89 2.24
N ASN B 226 -42.39 -16.34 3.46
CA ASN B 226 -42.63 -14.92 3.67
C ASN B 226 -41.43 -14.07 3.29
N TRP B 227 -40.21 -14.54 3.61
CA TRP B 227 -39.02 -13.79 3.20
C TRP B 227 -38.99 -13.63 1.69
N VAL B 228 -39.27 -14.72 0.98
CA VAL B 228 -39.20 -14.73 -0.47
C VAL B 228 -40.24 -13.81 -1.06
N ALA B 229 -41.50 -14.02 -0.68
CA ALA B 229 -42.60 -13.16 -1.12
C ALA B 229 -42.31 -11.68 -0.86
N GLY B 230 -41.62 -11.38 0.23
CA GLY B 230 -41.30 -10.01 0.59
C GLY B 230 -40.12 -9.42 -0.14
N LEU B 231 -39.55 -10.14 -1.09
CA LEU B 231 -38.43 -9.60 -1.85
C LEU B 231 -38.85 -8.56 -2.88
N VAL B 232 -40.12 -8.56 -3.31
CA VAL B 232 -40.49 -7.58 -4.31
C VAL B 232 -41.55 -6.61 -3.79
N HIS C 6 9.39 -11.75 -20.97
CA HIS C 6 10.60 -11.04 -21.35
C HIS C 6 10.40 -9.54 -21.25
N GLY C 7 9.81 -8.97 -22.30
CA GLY C 7 9.42 -7.57 -22.32
C GLY C 7 10.57 -6.66 -22.72
N GLY C 8 10.26 -5.36 -22.77
CA GLY C 8 11.23 -4.35 -23.15
C GLY C 8 11.76 -3.58 -21.95
N THR C 9 11.92 -2.27 -22.12
CA THR C 9 12.50 -1.40 -21.11
C THR C 9 11.42 -0.48 -20.59
N ILE C 10 11.02 -0.69 -19.34
CA ILE C 10 10.13 0.21 -18.60
C ILE C 10 10.99 1.13 -17.75
N LEU C 11 10.60 2.40 -17.68
CA LEU C 11 11.41 3.41 -16.99
C LEU C 11 10.46 4.41 -16.33
N VAL C 12 10.18 4.23 -15.04
CA VAL C 12 9.43 5.26 -14.32
C VAL C 12 10.22 6.56 -14.35
N VAL C 13 9.54 7.66 -14.65
CA VAL C 13 10.11 8.99 -14.51
C VAL C 13 9.41 9.65 -13.34
N THR C 14 10.19 9.96 -12.31
CA THR C 14 9.69 10.64 -11.12
C THR C 14 10.38 11.99 -11.01
N GLY C 15 10.13 12.69 -9.91
CA GLY C 15 10.82 13.95 -9.69
C GLY C 15 11.04 14.15 -8.20
N THR C 16 11.71 15.25 -7.86
CA THR C 16 11.92 15.56 -6.45
C THR C 16 10.63 16.04 -5.80
N GLY C 17 9.73 16.61 -6.57
CA GLY C 17 8.45 17.02 -6.05
C GLY C 17 7.53 17.29 -7.21
N THR C 18 6.56 18.17 -6.97
CA THR C 18 5.62 18.57 -7.99
C THR C 18 6.08 19.85 -8.68
N GLY C 19 5.88 19.93 -10.00
CA GLY C 19 6.22 21.11 -10.75
C GLY C 19 7.65 21.19 -11.24
N VAL C 20 8.34 20.06 -11.36
CA VAL C 20 9.77 20.06 -11.62
C VAL C 20 10.11 19.74 -13.07
N GLY C 21 9.12 19.43 -13.90
CA GLY C 21 9.39 19.03 -15.27
C GLY C 21 9.25 17.55 -15.57
N LYS C 22 8.56 16.78 -14.71
CA LYS C 22 8.31 15.38 -15.01
C LYS C 22 7.70 15.21 -16.41
N THR C 23 6.76 16.08 -16.77
CA THR C 23 6.09 15.99 -18.07
C THR C 23 7.05 16.34 -19.21
N VAL C 24 7.68 17.52 -19.15
CA VAL C 24 8.55 17.96 -20.24
C VAL C 24 9.74 17.04 -20.42
N VAL C 25 10.22 16.41 -19.33
CA VAL C 25 11.34 15.49 -19.44
C VAL C 25 10.88 14.20 -20.10
N CYS C 26 9.71 13.69 -19.69
CA CYS C 26 9.10 12.55 -20.37
C CYS C 26 8.93 12.82 -21.85
N ALA C 27 8.62 14.06 -22.22
CA ALA C 27 8.48 14.39 -23.62
C ALA C 27 9.85 14.44 -24.29
N ALA C 28 10.82 15.07 -23.65
CA ALA C 28 12.12 15.26 -24.30
C ALA C 28 12.84 13.92 -24.49
N LEU C 29 12.85 13.06 -23.46
CA LEU C 29 13.49 11.76 -23.62
C LEU C 29 12.78 10.91 -24.66
N ALA C 30 11.44 10.94 -24.66
CA ALA C 30 10.69 10.21 -25.68
C ALA C 30 11.06 10.69 -27.08
N SER C 31 11.12 12.01 -27.29
CA SER C 31 11.48 12.55 -28.59
C SER C 31 12.89 12.10 -28.98
N ALA C 32 13.84 12.20 -28.05
CA ALA C 32 15.22 11.82 -28.35
C ALA C 32 15.36 10.32 -28.60
N ALA C 33 14.45 9.51 -28.09
CA ALA C 33 14.47 8.09 -28.38
C ALA C 33 13.83 7.77 -29.74
N ARG C 34 12.88 8.59 -30.18
CA ARG C 34 12.31 8.38 -31.51
C ARG C 34 13.32 8.74 -32.60
N GLN C 35 14.10 9.80 -32.40
CA GLN C 35 15.15 10.14 -33.35
C GLN C 35 16.35 9.21 -33.26
N ALA C 36 16.39 8.33 -32.26
CA ALA C 36 17.32 7.21 -32.24
C ALA C 36 16.65 5.92 -32.72
N GLY C 37 15.48 6.03 -33.35
CA GLY C 37 14.77 4.87 -33.86
C GLY C 37 14.36 3.88 -32.81
N ILE C 38 13.86 4.36 -31.66
CA ILE C 38 13.35 3.49 -30.61
C ILE C 38 11.84 3.62 -30.59
N ASP C 39 11.17 2.50 -30.29
CA ASP C 39 9.72 2.47 -30.13
C ASP C 39 9.38 3.02 -28.74
N VAL C 40 8.78 4.21 -28.71
CA VAL C 40 8.53 4.93 -27.47
C VAL C 40 7.04 4.94 -27.20
N ALA C 41 6.65 4.51 -26.01
CA ALA C 41 5.30 4.70 -25.51
C ALA C 41 5.40 5.36 -24.15
N VAL C 42 4.39 6.16 -23.82
CA VAL C 42 4.36 6.89 -22.56
C VAL C 42 3.06 6.56 -21.85
N CYS C 43 3.15 6.40 -20.53
CA CYS C 43 2.04 5.99 -19.68
C CYS C 43 1.93 6.93 -18.49
N LYS C 44 0.71 7.30 -18.14
CA LYS C 44 0.42 8.22 -17.04
C LYS C 44 -0.67 7.57 -16.20
N PRO C 45 -0.30 6.72 -15.24
CA PRO C 45 -1.33 5.98 -14.49
C PRO C 45 -2.32 6.86 -13.79
N VAL C 46 -1.86 7.97 -13.21
CA VAL C 46 -2.74 8.90 -12.53
C VAL C 46 -2.47 10.32 -13.05
N GLN C 47 -3.55 11.00 -13.44
CA GLN C 47 -3.53 12.39 -13.86
C GLN C 47 -4.50 13.18 -12.99
N THR C 48 -4.02 14.25 -12.38
CA THR C 48 -4.92 15.18 -11.70
C THR C 48 -4.90 16.52 -12.41
N GLY C 49 -5.76 17.43 -11.94
CA GLY C 49 -5.74 18.77 -12.45
C GLY C 49 -6.30 18.96 -13.83
N THR C 50 -7.26 18.13 -14.27
CA THR C 50 -7.93 18.44 -15.53
C THR C 50 -8.74 19.73 -15.40
N ALA C 51 -9.34 19.96 -14.22
CA ALA C 51 -10.03 21.21 -13.95
C ALA C 51 -9.14 22.44 -14.21
N ARG C 52 -7.84 22.25 -14.38
CA ARG C 52 -6.92 23.32 -14.72
C ARG C 52 -6.43 23.23 -16.16
N GLY C 53 -6.84 22.21 -16.90
CA GLY C 53 -6.33 22.03 -18.23
C GLY C 53 -5.09 21.17 -18.30
N ASP C 54 -4.74 20.48 -17.21
CA ASP C 54 -3.63 19.54 -17.23
C ASP C 54 -4.03 18.30 -18.01
N ASP C 55 -3.20 17.93 -18.99
CA ASP C 55 -3.18 16.57 -19.50
C ASP C 55 -1.73 16.32 -19.92
N ASP C 56 -1.02 15.55 -19.09
CA ASP C 56 0.39 15.33 -19.35
C ASP C 56 0.59 14.43 -20.56
N LEU C 57 -0.28 13.43 -20.72
CA LEU C 57 -0.19 12.58 -21.91
C LEU C 57 -0.40 13.39 -23.17
N ALA C 58 -1.32 14.35 -23.12
CA ALA C 58 -1.52 15.25 -24.26
C ALA C 58 -0.25 16.02 -24.55
N GLU C 59 0.32 16.65 -23.52
CA GLU C 59 1.50 17.48 -23.73
C GLU C 59 2.69 16.68 -24.24
N VAL C 60 2.83 15.42 -23.83
CA VAL C 60 3.89 14.59 -24.37
C VAL C 60 3.66 14.33 -25.86
N GLY C 61 2.43 13.93 -26.22
CA GLY C 61 2.10 13.69 -27.61
C GLY C 61 2.27 14.92 -28.48
N ARG C 62 1.91 16.10 -27.96
CA ARG C 62 2.06 17.34 -28.72
C ARG C 62 3.53 17.73 -28.87
N LEU C 63 4.31 17.60 -27.79
CA LEU C 63 5.72 17.98 -27.83
C LEU C 63 6.56 16.97 -28.58
N ALA C 64 6.25 15.68 -28.46
CA ALA C 64 7.15 14.62 -28.91
C ALA C 64 6.64 13.84 -30.11
N GLY C 65 5.35 13.81 -30.37
CA GLY C 65 4.83 13.01 -31.45
C GLY C 65 4.43 11.61 -31.06
N VAL C 66 4.50 11.27 -29.77
CA VAL C 66 4.13 9.95 -29.30
C VAL C 66 2.62 9.78 -29.42
N THR C 67 2.20 8.68 -30.06
CA THR C 67 0.80 8.33 -30.16
C THR C 67 0.44 7.11 -29.33
N GLN C 68 1.42 6.31 -28.93
CA GLN C 68 1.16 5.21 -28.01
C GLN C 68 1.25 5.82 -26.61
N LEU C 69 0.10 6.31 -26.16
CA LEU C 69 -0.08 6.96 -24.87
C LEU C 69 -1.26 6.31 -24.18
N ALA C 70 -1.10 6.04 -22.90
CA ALA C 70 -2.16 5.34 -22.19
C ALA C 70 -2.24 5.93 -20.78
N GLY C 71 -3.46 6.14 -20.33
CA GLY C 71 -3.73 6.57 -18.98
C GLY C 71 -4.73 5.64 -18.30
N LEU C 72 -5.06 6.01 -17.07
CA LEU C 72 -5.90 5.15 -16.25
C LEU C 72 -6.84 5.99 -15.40
N ALA C 73 -6.31 6.62 -14.37
CA ALA C 73 -7.10 7.49 -13.52
C ALA C 73 -6.95 8.91 -14.02
N ARG C 74 -8.02 9.70 -13.84
CA ARG C 74 -8.02 11.13 -14.14
C ARG C 74 -8.90 11.83 -13.13
N TYR C 75 -8.44 12.97 -12.63
CA TYR C 75 -9.14 13.70 -11.59
C TYR C 75 -9.11 15.19 -11.90
N PRO C 76 -10.15 15.91 -11.52
CA PRO C 76 -10.24 17.31 -11.91
C PRO C 76 -9.29 18.19 -11.12
N GLN C 77 -9.33 18.11 -9.79
CA GLN C 77 -8.59 19.09 -8.99
C GLN C 77 -7.09 18.83 -9.04
N PRO C 78 -6.27 19.87 -9.28
CA PRO C 78 -4.81 19.74 -9.21
C PRO C 78 -4.31 19.62 -7.78
N MET C 79 -4.52 18.45 -7.17
CA MET C 79 -4.01 18.07 -5.85
C MET C 79 -3.37 16.69 -5.94
N ALA C 80 -2.76 16.23 -4.86
CA ALA C 80 -2.23 14.88 -4.84
C ALA C 80 -3.33 13.88 -5.21
N PRO C 81 -3.02 12.84 -5.98
CA PRO C 81 -4.03 11.84 -6.36
C PRO C 81 -5.06 11.54 -5.26
N ALA C 82 -4.59 11.16 -4.07
CA ALA C 82 -5.52 10.76 -3.01
C ALA C 82 -6.47 11.88 -2.63
N ALA C 83 -6.02 13.13 -2.68
CA ALA C 83 -6.89 14.26 -2.35
C ALA C 83 -7.85 14.55 -3.49
N ALA C 84 -7.33 14.63 -4.72
CA ALA C 84 -8.17 14.89 -5.89
C ALA C 84 -9.22 13.81 -6.08
N ALA C 85 -8.92 12.56 -5.68
CA ALA C 85 -9.90 11.48 -5.75
C ALA C 85 -10.96 11.61 -4.66
N GLU C 86 -10.58 12.07 -3.46
CA GLU C 86 -11.56 12.37 -2.43
C GLU C 86 -12.46 13.54 -2.85
N HIS C 87 -11.85 14.61 -3.38
CA HIS C 87 -12.61 15.78 -3.79
C HIS C 87 -13.52 15.50 -4.97
N ALA C 88 -13.34 14.36 -5.64
CA ALA C 88 -14.11 13.97 -6.81
C ALA C 88 -15.01 12.77 -6.54
N GLY C 89 -15.07 12.32 -5.29
CA GLY C 89 -15.90 11.18 -4.91
C GLY C 89 -15.39 9.83 -5.33
N MET C 90 -14.31 9.75 -6.09
CA MET C 90 -13.83 8.52 -6.68
C MET C 90 -12.75 7.87 -5.81
N ALA C 91 -12.29 6.70 -6.23
CA ALA C 91 -11.21 5.98 -5.57
C ALA C 91 -9.92 6.13 -6.36
N LEU C 92 -8.81 5.75 -5.74
CA LEU C 92 -7.60 5.63 -6.51
C LEU C 92 -7.67 4.33 -7.31
N PRO C 93 -6.90 4.22 -8.39
CA PRO C 93 -6.86 2.95 -9.12
C PRO C 93 -6.29 1.83 -8.26
N ALA C 94 -6.49 0.61 -8.71
CA ALA C 94 -5.92 -0.53 -8.02
C ALA C 94 -4.45 -0.72 -8.37
N ARG C 95 -3.70 -1.32 -7.44
CA ARG C 95 -2.29 -1.57 -7.71
C ARG C 95 -2.12 -2.46 -8.92
N ASP C 96 -2.96 -3.49 -9.05
CA ASP C 96 -2.83 -4.40 -10.18
C ASP C 96 -3.32 -3.77 -11.47
N GLN C 97 -4.05 -2.65 -11.39
CA GLN C 97 -4.48 -1.95 -12.61
C GLN C 97 -3.35 -1.12 -13.19
N ILE C 98 -2.68 -0.34 -12.34
CA ILE C 98 -1.52 0.42 -12.80
C ILE C 98 -0.46 -0.54 -13.35
N VAL C 99 -0.22 -1.64 -12.63
CA VAL C 99 0.70 -2.66 -13.10
C VAL C 99 0.26 -3.19 -14.47
N ARG C 100 -1.00 -3.64 -14.56
CA ARG C 100 -1.52 -4.15 -15.83
C ARG C 100 -1.51 -3.10 -16.93
N LEU C 101 -1.84 -1.85 -16.58
CA LEU C 101 -1.72 -0.77 -17.55
C LEU C 101 -0.31 -0.68 -18.12
N ILE C 102 0.70 -0.85 -17.26
CA ILE C 102 2.08 -0.78 -17.69
C ILE C 102 2.46 -2.04 -18.47
N ALA C 103 1.96 -3.21 -18.04
CA ALA C 103 2.33 -4.46 -18.70
C ALA C 103 1.86 -4.49 -20.15
N ASP C 104 0.63 -4.05 -20.39
CA ASP C 104 0.09 -3.99 -21.75
C ASP C 104 1.03 -3.24 -22.70
N LEU C 105 1.69 -2.19 -22.21
CA LEU C 105 2.56 -1.43 -23.08
C LEU C 105 3.93 -2.07 -23.26
N ASP C 106 4.33 -2.94 -22.33
CA ASP C 106 5.70 -3.45 -22.36
C ASP C 106 5.86 -4.43 -23.52
N ARG C 107 6.66 -4.03 -24.50
CA ARG C 107 6.95 -4.84 -25.66
C ARG C 107 8.45 -4.82 -25.84
N PRO C 108 9.08 -5.96 -26.11
CA PRO C 108 10.52 -5.97 -26.37
C PRO C 108 10.90 -4.96 -27.45
N GLY C 109 11.94 -4.19 -27.18
CA GLY C 109 12.34 -3.11 -28.06
C GLY C 109 11.60 -1.80 -27.86
N ARG C 110 10.65 -1.75 -26.92
CA ARG C 110 9.89 -0.54 -26.65
C ARG C 110 10.35 0.09 -25.34
N LEU C 111 10.72 1.37 -25.42
CA LEU C 111 10.91 2.20 -24.22
C LEU C 111 9.54 2.67 -23.74
N THR C 112 9.09 2.15 -22.61
CA THR C 112 7.84 2.57 -22.00
C THR C 112 8.19 3.46 -20.82
N LEU C 113 7.81 4.73 -20.92
CA LEU C 113 7.95 5.67 -19.82
C LEU C 113 6.67 5.70 -19.00
N VAL C 114 6.81 5.66 -17.69
CA VAL C 114 5.69 5.77 -16.76
C VAL C 114 5.92 7.02 -15.95
N GLU C 115 5.22 8.11 -16.29
CA GLU C 115 5.30 9.34 -15.52
C GLU C 115 4.41 9.27 -14.30
N GLY C 116 4.95 9.65 -13.14
CA GLY C 116 4.20 9.63 -11.90
C GLY C 116 3.59 11.00 -11.58
N ALA C 117 2.82 11.01 -10.50
CA ALA C 117 2.19 12.24 -10.01
C ALA C 117 3.00 12.81 -8.86
N GLY C 118 3.50 14.05 -9.03
CA GLY C 118 4.32 14.64 -7.97
C GLY C 118 5.62 13.87 -7.76
N GLY C 119 6.01 13.70 -6.48
CA GLY C 119 7.26 13.06 -6.14
C GLY C 119 7.18 11.52 -6.08
N LEU C 120 8.34 10.91 -5.77
CA LEU C 120 8.46 9.45 -5.80
C LEU C 120 7.48 8.79 -4.83
N LEU C 121 7.40 9.28 -3.59
CA LEU C 121 6.63 8.58 -2.58
C LEU C 121 5.16 9.00 -2.57
N VAL C 122 4.68 9.60 -3.66
CA VAL C 122 3.29 10.01 -3.71
C VAL C 122 2.40 8.79 -3.87
N GLU C 123 1.33 8.72 -3.08
CA GLU C 123 0.38 7.62 -3.17
C GLU C 123 -0.38 7.67 -4.50
N LEU C 124 -0.27 6.61 -5.29
CA LEU C 124 -1.04 6.48 -6.51
C LEU C 124 -2.13 5.44 -6.39
N ALA C 125 -2.08 4.58 -5.38
CA ALA C 125 -2.97 3.44 -5.27
C ALA C 125 -3.06 3.03 -3.80
N GLU C 126 -4.23 2.56 -3.41
CA GLU C 126 -4.42 2.13 -2.03
C GLU C 126 -3.83 0.73 -1.83
N PRO C 127 -3.26 0.44 -0.65
CA PRO C 127 -2.99 1.38 0.45
C PRO C 127 -1.55 1.90 0.44
N GLY C 128 -1.37 3.19 0.18
CA GLY C 128 -0.02 3.74 0.17
C GLY C 128 0.89 3.17 -0.90
N VAL C 129 0.35 2.78 -2.05
CA VAL C 129 1.19 2.32 -3.16
C VAL C 129 1.71 3.53 -3.94
N THR C 130 3.01 3.53 -4.21
CA THR C 130 3.76 4.65 -4.76
C THR C 130 4.38 4.24 -6.09
N LEU C 131 5.00 5.22 -6.77
CA LEU C 131 5.68 4.90 -8.04
C LEU C 131 6.88 4.02 -7.79
N ARG C 132 7.48 4.13 -6.61
CA ARG C 132 8.58 3.26 -6.25
C ARG C 132 8.13 1.81 -6.20
N ASP C 133 7.06 1.55 -5.45
CA ASP C 133 6.46 0.22 -5.43
C ASP C 133 6.24 -0.31 -6.85
N VAL C 134 5.61 0.50 -7.69
CA VAL C 134 5.36 0.13 -9.09
C VAL C 134 6.65 -0.17 -9.82
N ALA C 135 7.68 0.66 -9.62
CA ALA C 135 8.96 0.39 -10.30
C ALA C 135 9.52 -0.96 -9.90
N VAL C 136 9.36 -1.34 -8.62
CA VAL C 136 9.78 -2.68 -8.20
C VAL C 136 8.97 -3.75 -8.92
N ASP C 137 7.65 -3.54 -9.02
CA ASP C 137 6.75 -4.52 -9.60
C ASP C 137 7.07 -4.83 -11.05
N VAL C 138 7.64 -3.86 -11.76
CA VAL C 138 7.87 -3.96 -13.20
C VAL C 138 9.36 -3.87 -13.53
N ALA C 139 10.24 -3.99 -12.55
CA ALA C 139 11.68 -4.03 -12.79
C ALA C 139 12.14 -2.79 -13.53
N ALA C 140 11.51 -1.66 -13.22
CA ALA C 140 11.83 -0.42 -13.86
C ALA C 140 12.88 0.30 -13.06
N ALA C 141 13.85 0.88 -13.77
CA ALA C 141 14.73 1.87 -13.22
C ALA C 141 13.99 3.21 -13.13
N ALA C 142 14.61 4.17 -12.44
CA ALA C 142 13.98 5.46 -12.15
C ALA C 142 14.84 6.60 -12.68
N LEU C 143 14.29 7.37 -13.60
CA LEU C 143 14.86 8.64 -14.01
C LEU C 143 14.29 9.71 -13.10
N VAL C 144 15.16 10.59 -12.61
CA VAL C 144 14.82 11.51 -11.55
C VAL C 144 14.91 12.92 -12.12
N VAL C 145 13.78 13.65 -12.09
CA VAL C 145 13.73 15.01 -12.58
C VAL C 145 13.96 15.95 -11.40
N VAL C 146 14.97 16.81 -11.52
CA VAL C 146 15.38 17.69 -10.43
C VAL C 146 15.42 19.12 -10.95
N THR C 147 15.14 20.08 -10.06
CA THR C 147 15.32 21.48 -10.40
C THR C 147 16.76 21.90 -10.16
N ALA C 148 17.10 23.07 -10.68
CA ALA C 148 18.38 23.71 -10.40
C ALA C 148 18.27 24.76 -9.31
N ASP C 149 17.14 24.82 -8.61
CA ASP C 149 16.89 25.86 -7.62
C ASP C 149 17.34 25.43 -6.23
N LEU C 150 17.37 26.41 -5.33
CA LEU C 150 17.66 26.20 -3.92
C LEU C 150 16.76 25.12 -3.34
N GLY C 151 17.36 24.10 -2.71
CA GLY C 151 16.61 23.00 -2.14
C GLY C 151 16.77 21.70 -2.90
N THR C 152 17.16 21.75 -4.17
CA THR C 152 17.19 20.54 -4.98
C THR C 152 18.17 19.52 -4.43
N LEU C 153 19.28 19.99 -3.85
CA LEU C 153 20.28 19.09 -3.29
C LEU C 153 19.67 18.15 -2.27
N ASN C 154 18.98 18.70 -1.26
CA ASN C 154 18.33 17.85 -0.27
C ASN C 154 17.32 16.91 -0.91
N HIS C 155 16.42 17.47 -1.74
CA HIS C 155 15.37 16.65 -2.34
C HIS C 155 15.96 15.57 -3.21
N THR C 156 17.02 15.88 -3.95
CA THR C 156 17.64 14.87 -4.80
C THR C 156 18.27 13.77 -3.98
N LYS C 157 19.08 14.14 -2.98
CA LYS C 157 19.69 13.13 -2.11
C LYS C 157 18.63 12.29 -1.41
N LEU C 158 17.54 12.95 -0.98
CA LEU C 158 16.41 12.21 -0.38
C LEU C 158 15.81 11.22 -1.37
N THR C 159 15.73 11.60 -2.65
CA THR C 159 15.04 10.75 -3.62
C THR C 159 15.91 9.55 -3.99
N LEU C 160 17.21 9.79 -4.23
CA LEU C 160 18.13 8.68 -4.51
C LEU C 160 18.15 7.67 -3.37
N GLU C 161 18.28 8.14 -2.13
CA GLU C 161 18.23 7.23 -0.98
C GLU C 161 16.98 6.37 -1.03
N ALA C 162 15.84 6.96 -1.37
CA ALA C 162 14.60 6.20 -1.37
C ALA C 162 14.58 5.19 -2.50
N LEU C 163 15.20 5.52 -3.63
CA LEU C 163 15.32 4.57 -4.72
C LEU C 163 16.18 3.40 -4.32
N ALA C 164 17.37 3.68 -3.77
CA ALA C 164 18.30 2.62 -3.41
C ALA C 164 17.78 1.79 -2.25
N ALA C 165 17.03 2.40 -1.32
CA ALA C 165 16.50 1.65 -0.18
C ALA C 165 15.62 0.49 -0.63
N GLN C 166 14.93 0.62 -1.77
CA GLN C 166 14.12 -0.45 -2.35
C GLN C 166 14.76 -1.05 -3.60
N GLN C 167 16.10 -1.02 -3.66
CA GLN C 167 16.87 -1.64 -4.74
C GLN C 167 16.32 -1.28 -6.13
N VAL C 168 15.75 -0.07 -6.27
CA VAL C 168 15.34 0.47 -7.57
C VAL C 168 16.50 1.28 -8.13
N SER C 169 17.05 0.81 -9.24
CA SER C 169 18.14 1.52 -9.88
C SER C 169 17.69 2.89 -10.37
N CYS C 170 18.61 3.85 -10.32
CA CYS C 170 18.36 5.21 -10.80
C CYS C 170 19.01 5.37 -12.17
N ALA C 171 18.19 5.57 -13.20
CA ALA C 171 18.70 5.80 -14.54
C ALA C 171 19.43 7.13 -14.69
N GLY C 172 19.33 8.02 -13.70
CA GLY C 172 20.01 9.29 -13.72
C GLY C 172 19.07 10.43 -13.41
N LEU C 173 19.65 11.62 -13.33
CA LEU C 173 18.88 12.83 -13.10
C LEU C 173 18.72 13.61 -14.39
N VAL C 174 17.60 14.32 -14.51
CA VAL C 174 17.47 15.37 -15.51
C VAL C 174 17.09 16.64 -14.79
N ILE C 175 17.85 17.71 -15.04
CA ILE C 175 17.45 19.05 -14.64
C ILE C 175 16.36 19.50 -15.61
N GLY C 176 15.14 19.68 -15.11
CA GLY C 176 14.01 19.95 -16.00
C GLY C 176 14.04 21.32 -16.66
N SER C 177 14.55 22.32 -15.95
CA SER C 177 14.56 23.72 -16.43
C SER C 177 15.93 24.31 -16.15
N TRP C 178 16.75 24.40 -17.18
CA TRP C 178 18.09 24.95 -17.01
C TRP C 178 18.11 26.39 -17.48
N PRO C 179 18.46 27.35 -16.62
CA PRO C 179 18.48 28.75 -17.04
C PRO C 179 19.66 29.09 -17.93
N ASP C 180 19.49 30.16 -18.70
CA ASP C 180 20.57 30.74 -19.49
C ASP C 180 20.54 32.26 -19.31
N PRO C 181 21.58 32.85 -18.71
CA PRO C 181 22.70 32.08 -18.12
C PRO C 181 22.31 31.49 -16.76
N PRO C 182 23.15 30.66 -16.17
CA PRO C 182 22.88 30.21 -14.80
C PRO C 182 23.55 31.10 -13.75
N GLY C 183 22.80 31.51 -12.74
CA GLY C 183 23.37 32.23 -11.62
C GLY C 183 24.31 31.34 -10.80
N LEU C 184 24.86 31.93 -9.74
CA LEU C 184 25.71 31.18 -8.81
C LEU C 184 25.00 29.92 -8.30
N VAL C 185 23.82 30.12 -7.69
CA VAL C 185 23.04 29.02 -7.12
C VAL C 185 22.87 27.88 -8.12
N ALA C 186 22.37 28.21 -9.31
CA ALA C 186 22.08 27.14 -10.28
C ALA C 186 23.36 26.48 -10.77
N ALA C 187 24.43 27.25 -10.95
CA ALA C 187 25.67 26.66 -11.43
C ALA C 187 26.19 25.64 -10.44
N SER C 188 26.24 26.03 -9.15
CA SER C 188 26.76 25.14 -8.12
C SER C 188 25.91 23.90 -7.97
N ASN C 189 24.59 24.07 -7.95
CA ASN C 189 23.71 22.91 -7.79
C ASN C 189 23.94 21.90 -8.90
N ARG C 190 24.09 22.37 -10.14
CA ARG C 190 24.34 21.42 -11.22
C ARG C 190 25.69 20.74 -11.04
N SER C 191 26.70 21.48 -10.57
CA SER C 191 27.95 20.83 -10.19
C SER C 191 27.75 19.87 -9.02
N ALA C 192 26.97 20.28 -8.02
CA ALA C 192 26.72 19.38 -6.90
C ALA C 192 25.99 18.12 -7.35
N LEU C 193 24.90 18.29 -8.10
CA LEU C 193 24.08 17.15 -8.50
C LEU C 193 24.90 16.14 -9.30
N ALA C 194 25.78 16.62 -10.18
CA ALA C 194 26.55 15.70 -11.00
C ALA C 194 27.46 14.83 -10.14
N ARG C 195 27.80 15.32 -8.95
CA ARG C 195 28.66 14.49 -8.12
C ARG C 195 27.89 13.42 -7.38
N ILE C 196 26.59 13.56 -7.27
CA ILE C 196 25.83 12.51 -6.63
C ILE C 196 25.11 11.62 -7.64
N ALA C 197 25.04 12.03 -8.90
CA ALA C 197 24.32 11.22 -9.87
C ALA C 197 24.63 11.67 -11.29
N MET C 198 24.30 10.80 -12.24
CA MET C 198 24.49 11.08 -13.66
C MET C 198 23.42 12.04 -14.14
N VAL C 199 23.84 13.25 -14.54
CA VAL C 199 22.93 14.23 -15.13
C VAL C 199 22.79 13.89 -16.62
N ARG C 200 21.66 13.27 -16.99
CA ARG C 200 21.43 12.85 -18.37
C ARG C 200 21.01 13.98 -19.29
N ALA C 201 20.49 15.08 -18.75
CA ALA C 201 20.13 16.23 -19.56
C ALA C 201 19.84 17.41 -18.66
N ALA C 202 20.04 18.62 -19.20
CA ALA C 202 19.64 19.88 -18.57
C ALA C 202 18.84 20.66 -19.60
N LEU C 203 17.55 20.33 -19.70
CA LEU C 203 16.68 20.96 -20.69
C LEU C 203 16.64 22.46 -20.45
N PRO C 204 16.87 23.28 -21.48
CA PRO C 204 16.85 24.73 -21.28
C PRO C 204 15.45 25.18 -20.95
N ALA C 205 15.37 26.27 -20.19
CA ALA C 205 14.08 26.76 -19.76
C ALA C 205 13.26 27.22 -20.94
N GLY C 206 11.94 27.02 -20.85
CA GLY C 206 11.07 27.27 -21.97
C GLY C 206 10.97 26.14 -22.97
N ALA C 207 11.44 24.95 -22.63
CA ALA C 207 11.38 23.84 -23.58
C ALA C 207 9.95 23.44 -23.88
N ALA C 208 9.07 23.55 -22.87
CA ALA C 208 7.68 23.13 -23.00
C ALA C 208 6.91 23.96 -24.00
N SER C 209 7.34 25.19 -24.25
CA SER C 209 6.67 26.07 -25.20
C SER C 209 7.34 26.08 -26.55
N LEU C 210 8.27 25.16 -26.82
CA LEU C 210 8.74 24.99 -28.17
C LEU C 210 7.66 24.34 -29.04
N ASP C 211 7.80 24.51 -30.35
CA ASP C 211 7.01 23.70 -31.27
C ASP C 211 7.71 22.36 -31.49
N ALA C 212 7.05 21.48 -32.24
CA ALA C 212 7.59 20.14 -32.44
C ALA C 212 8.90 20.15 -33.19
N GLY C 213 9.13 21.16 -34.03
CA GLY C 213 10.36 21.21 -34.80
C GLY C 213 11.56 21.52 -33.91
N ASP C 214 11.46 22.60 -33.15
CA ASP C 214 12.54 23.00 -32.26
C ASP C 214 12.63 22.15 -31.00
N PHE C 215 11.53 21.53 -30.57
CA PHE C 215 11.61 20.62 -29.43
C PHE C 215 12.44 19.40 -29.77
N ALA C 216 12.28 18.85 -30.98
CA ALA C 216 13.08 17.70 -31.40
C ALA C 216 14.54 18.07 -31.58
N ALA C 217 14.81 19.33 -31.96
CA ALA C 217 16.20 19.77 -32.08
C ALA C 217 16.85 19.89 -30.71
N MET C 218 16.05 20.21 -29.68
CA MET C 218 16.59 20.34 -28.33
C MET C 218 16.80 18.96 -27.71
N SER C 219 15.80 18.09 -27.83
CA SER C 219 15.85 16.78 -27.18
C SER C 219 17.01 15.96 -27.71
N ALA C 220 17.30 16.07 -29.01
CA ALA C 220 18.42 15.34 -29.57
C ALA C 220 19.75 15.95 -29.14
N ALA C 221 19.76 17.24 -28.84
CA ALA C 221 20.96 17.83 -28.27
C ALA C 221 21.05 17.58 -26.77
N ALA C 222 19.91 17.66 -26.07
CA ALA C 222 19.93 17.69 -24.61
C ALA C 222 20.35 16.35 -24.00
N PHE C 223 20.04 15.23 -24.65
CA PHE C 223 20.47 13.93 -24.18
C PHE C 223 21.74 13.47 -24.91
N ASP C 224 22.42 12.49 -24.30
CA ASP C 224 23.59 11.87 -24.94
C ASP C 224 23.14 10.72 -25.81
N ARG C 225 23.65 10.71 -27.05
CA ARG C 225 23.13 9.81 -28.07
C ARG C 225 23.32 8.35 -27.69
N ASN C 226 24.47 8.02 -27.07
CA ASN C 226 24.74 6.63 -26.76
C ASN C 226 23.87 6.13 -25.61
N TRP C 227 23.68 6.97 -24.58
CA TRP C 227 22.93 6.54 -23.41
C TRP C 227 21.47 6.24 -23.75
N VAL C 228 20.87 7.03 -24.64
CA VAL C 228 19.53 6.72 -25.14
C VAL C 228 19.54 5.46 -25.98
N ALA C 229 20.46 5.40 -26.94
CA ALA C 229 20.58 4.22 -27.79
C ALA C 229 20.66 2.94 -26.96
N GLY C 230 21.47 2.96 -25.92
CA GLY C 230 21.60 1.83 -25.01
C GLY C 230 20.49 1.64 -24.01
N LEU C 231 19.40 2.41 -24.09
CA LEU C 231 18.27 2.20 -23.19
C LEU C 231 17.49 0.95 -23.56
N VAL C 232 17.53 0.53 -24.82
CA VAL C 232 17.06 -0.78 -25.24
C VAL C 232 18.29 -1.54 -25.75
N GLY C 233 18.50 -2.73 -25.19
CA GLY C 233 19.71 -3.51 -25.39
C GLY C 233 20.11 -3.75 -26.84
N HIS D 6 22.06 9.80 32.87
CA HIS D 6 21.40 10.61 31.85
C HIS D 6 21.89 12.06 31.87
N GLY D 7 21.47 12.83 30.86
CA GLY D 7 21.76 14.26 30.81
C GLY D 7 20.49 15.07 30.55
N GLY D 8 20.50 15.87 29.49
CA GLY D 8 19.31 16.54 29.02
C GLY D 8 18.79 15.93 27.74
N THR D 9 17.96 16.69 27.05
CA THR D 9 17.39 16.25 25.78
C THR D 9 17.96 17.07 24.63
N ILE D 10 18.57 16.41 23.66
CA ILE D 10 18.96 17.02 22.41
C ILE D 10 17.91 16.69 21.36
N LEU D 11 17.38 17.71 20.70
CA LEU D 11 16.37 17.54 19.67
C LEU D 11 16.88 18.26 18.43
N VAL D 12 17.15 17.54 17.33
CA VAL D 12 17.42 18.26 16.10
C VAL D 12 16.09 18.66 15.49
N VAL D 13 16.04 19.88 15.02
CA VAL D 13 14.89 20.42 14.31
C VAL D 13 15.31 20.48 12.85
N THR D 14 14.85 19.52 12.07
CA THR D 14 15.10 19.53 10.64
C THR D 14 13.86 20.06 9.92
N GLY D 15 13.91 20.03 8.59
CA GLY D 15 12.78 20.41 7.79
C GLY D 15 12.79 19.59 6.52
N THR D 16 11.66 19.62 5.80
CA THR D 16 11.61 18.95 4.51
C THR D 16 12.43 19.68 3.46
N GLY D 17 12.88 20.88 3.73
CA GLY D 17 13.51 21.64 2.69
C GLY D 17 14.01 22.97 3.19
N THR D 18 14.14 23.89 2.24
CA THR D 18 14.67 25.21 2.55
C THR D 18 13.53 26.23 2.61
N GLY D 19 13.54 27.04 3.68
CA GLY D 19 12.55 28.08 3.85
C GLY D 19 11.19 27.61 4.34
N VAL D 20 11.16 26.59 5.20
CA VAL D 20 9.91 25.96 5.59
C VAL D 20 9.49 26.28 7.01
N GLY D 21 10.22 27.17 7.69
CA GLY D 21 9.90 27.54 9.05
C GLY D 21 10.79 26.94 10.13
N LYS D 22 11.95 26.37 9.78
CA LYS D 22 12.83 25.75 10.77
C LYS D 22 13.18 26.73 11.88
N THR D 23 13.57 27.95 11.52
CA THR D 23 13.99 28.92 12.53
C THR D 23 12.81 29.30 13.43
N VAL D 24 11.68 29.66 12.82
CA VAL D 24 10.55 30.13 13.60
C VAL D 24 10.01 29.00 14.47
N VAL D 25 10.08 27.76 13.99
CA VAL D 25 9.63 26.64 14.81
C VAL D 25 10.64 26.41 15.93
N CYS D 26 11.92 26.60 15.65
CA CYS D 26 12.92 26.53 16.71
C CYS D 26 12.59 27.54 17.79
N ALA D 27 12.35 28.79 17.37
CA ALA D 27 11.94 29.85 18.27
C ALA D 27 10.67 29.47 19.03
N ALA D 28 9.64 29.03 18.31
CA ALA D 28 8.37 28.68 18.97
C ALA D 28 8.56 27.62 20.03
N LEU D 29 9.14 26.48 19.66
CA LEU D 29 9.41 25.43 20.63
C LEU D 29 10.26 25.93 21.79
N ALA D 30 11.23 26.79 21.50
CA ALA D 30 12.07 27.29 22.59
C ALA D 30 11.25 28.11 23.57
N SER D 31 10.43 29.02 23.05
CA SER D 31 9.54 29.81 23.90
C SER D 31 8.59 28.91 24.69
N ALA D 32 7.97 27.93 24.02
CA ALA D 32 7.04 27.04 24.69
C ALA D 32 7.74 26.27 25.81
N ALA D 33 8.95 25.78 25.54
CA ALA D 33 9.68 25.05 26.56
C ALA D 33 10.11 25.96 27.71
N ARG D 34 10.57 27.17 27.39
CA ARG D 34 10.99 28.08 28.46
C ARG D 34 9.81 28.45 29.36
N GLN D 35 8.62 28.60 28.80
CA GLN D 35 7.45 28.92 29.63
C GLN D 35 7.04 27.74 30.49
N ALA D 36 7.38 26.51 30.07
CA ALA D 36 7.27 25.36 30.96
C ALA D 36 8.43 25.25 31.94
N GLY D 37 9.22 26.32 32.08
CA GLY D 37 10.36 26.29 32.99
C GLY D 37 11.51 25.42 32.53
N ILE D 38 11.66 25.22 31.23
CA ILE D 38 12.72 24.40 30.69
C ILE D 38 13.83 25.33 30.24
N ASP D 39 15.06 25.02 30.63
CA ASP D 39 16.19 25.76 30.09
C ASP D 39 16.38 25.34 28.65
N VAL D 40 16.54 26.31 27.75
CA VAL D 40 16.68 26.03 26.33
C VAL D 40 18.01 26.55 25.83
N ALA D 41 18.70 25.74 25.07
CA ALA D 41 19.81 26.19 24.25
C ALA D 41 19.49 25.84 22.81
N VAL D 42 19.95 26.69 21.89
CA VAL D 42 19.81 26.46 20.47
C VAL D 42 21.20 26.51 19.85
N CYS D 43 21.54 25.49 19.08
CA CYS D 43 22.81 25.41 18.38
C CYS D 43 22.52 25.43 16.88
N LYS D 44 23.03 26.45 16.18
CA LYS D 44 23.11 26.48 14.73
C LYS D 44 24.58 26.32 14.35
N PRO D 45 25.06 25.10 14.12
CA PRO D 45 26.49 24.95 13.80
C PRO D 45 26.92 25.77 12.58
N VAL D 46 26.17 25.73 11.48
CA VAL D 46 26.51 26.47 10.27
C VAL D 46 25.39 27.43 9.90
N GLN D 47 25.74 28.69 9.71
CA GLN D 47 24.82 29.72 9.24
C GLN D 47 25.37 30.32 7.95
N THR D 48 24.55 30.31 6.90
CA THR D 48 24.87 30.98 5.64
C THR D 48 23.87 32.11 5.42
N GLY D 49 24.10 32.83 4.33
CA GLY D 49 23.32 34.01 3.98
C GLY D 49 23.58 35.22 4.83
N THR D 50 24.81 35.39 5.33
CA THR D 50 25.05 36.49 6.26
C THR D 50 25.30 37.81 5.55
N ALA D 51 25.81 37.79 4.32
CA ALA D 51 25.90 39.03 3.54
C ALA D 51 24.56 39.75 3.47
N ARG D 52 23.45 39.04 3.65
CA ARG D 52 22.14 39.67 3.64
C ARG D 52 21.49 39.75 5.01
N GLY D 53 22.19 39.37 6.07
CA GLY D 53 21.67 39.49 7.42
C GLY D 53 20.95 38.29 7.99
N ASP D 54 21.15 37.10 7.44
CA ASP D 54 20.59 35.91 8.06
C ASP D 54 21.27 35.67 9.40
N ASP D 55 20.46 35.55 10.45
CA ASP D 55 20.97 35.19 11.78
C ASP D 55 19.84 34.44 12.47
N ASP D 56 19.79 33.13 12.24
CA ASP D 56 18.75 32.31 12.83
C ASP D 56 18.85 32.32 14.36
N LEU D 57 20.07 32.36 14.90
CA LEU D 57 20.22 32.41 16.35
C LEU D 57 19.73 33.73 16.94
N ALA D 58 19.97 34.85 16.27
CA ALA D 58 19.45 36.12 16.74
C ALA D 58 17.93 36.15 16.70
N GLU D 59 17.33 35.62 15.61
CA GLU D 59 15.88 35.57 15.50
C GLU D 59 15.27 34.71 16.61
N VAL D 60 15.96 33.62 16.97
CA VAL D 60 15.52 32.79 18.07
C VAL D 60 15.75 33.50 19.39
N GLY D 61 16.88 34.21 19.51
CA GLY D 61 17.09 35.07 20.65
C GLY D 61 16.01 36.13 20.77
N ARG D 62 15.55 36.66 19.64
CA ARG D 62 14.61 37.77 19.65
C ARG D 62 13.18 37.30 19.93
N LEU D 63 12.78 36.17 19.35
CA LEU D 63 11.41 35.71 19.53
C LEU D 63 11.22 34.91 20.83
N ALA D 64 12.24 34.15 21.27
CA ALA D 64 12.08 33.31 22.46
C ALA D 64 12.98 33.68 23.64
N GLY D 65 13.89 34.63 23.48
CA GLY D 65 14.70 35.05 24.61
C GLY D 65 15.74 34.05 25.05
N VAL D 66 16.12 33.12 24.18
CA VAL D 66 17.20 32.20 24.50
C VAL D 66 18.51 32.97 24.57
N THR D 67 19.33 32.67 25.58
CA THR D 67 20.68 33.24 25.62
C THR D 67 21.75 32.26 25.19
N GLN D 68 21.61 30.97 25.52
CA GLN D 68 22.59 29.98 25.11
C GLN D 68 22.40 29.71 23.61
N LEU D 69 23.06 30.51 22.79
CA LEU D 69 22.94 30.45 21.34
C LEU D 69 24.31 30.16 20.77
N ALA D 70 24.50 28.98 20.19
CA ALA D 70 25.83 28.56 19.84
C ALA D 70 25.93 28.24 18.35
N GLY D 71 27.09 28.56 17.80
CA GLY D 71 27.33 28.28 16.40
C GLY D 71 28.81 28.33 16.10
N LEU D 72 29.18 27.67 15.01
CA LEU D 72 30.57 27.49 14.67
C LEU D 72 31.04 28.31 13.49
N ALA D 73 30.18 28.57 12.51
CA ALA D 73 30.66 29.13 11.25
C ALA D 73 29.56 29.95 10.58
N ARG D 74 29.99 30.99 9.87
CA ARG D 74 29.12 31.92 9.18
C ARG D 74 29.61 32.10 7.76
N TYR D 75 28.72 31.94 6.79
CA TYR D 75 29.07 32.12 5.39
C TYR D 75 28.22 33.20 4.75
N PRO D 76 28.82 34.16 4.03
CA PRO D 76 28.02 35.28 3.49
C PRO D 76 27.05 34.87 2.40
N GLN D 77 27.48 34.03 1.47
CA GLN D 77 26.64 33.68 0.33
C GLN D 77 25.39 32.95 0.81
N PRO D 78 24.22 33.29 0.27
CA PRO D 78 22.96 32.61 0.66
C PRO D 78 22.80 31.29 -0.09
N MET D 79 23.66 30.33 0.25
CA MET D 79 23.71 29.06 -0.45
C MET D 79 23.71 27.94 0.58
N ALA D 80 23.48 26.72 0.10
CA ALA D 80 23.78 25.53 0.88
C ALA D 80 25.15 25.66 1.54
N PRO D 81 25.30 25.21 2.77
CA PRO D 81 26.61 25.24 3.42
C PRO D 81 27.80 24.87 2.54
N ALA D 82 27.75 23.76 1.78
CA ALA D 82 28.95 23.34 1.06
C ALA D 82 29.30 24.30 -0.05
N ALA D 83 28.28 24.86 -0.71
CA ALA D 83 28.54 25.79 -1.80
C ALA D 83 28.96 27.15 -1.25
N ALA D 84 28.36 27.55 -0.13
CA ALA D 84 28.79 28.81 0.50
C ALA D 84 30.24 28.74 0.93
N ALA D 85 30.64 27.62 1.55
CA ALA D 85 32.04 27.38 1.88
C ALA D 85 32.91 27.35 0.62
N GLU D 86 32.46 26.60 -0.40
CA GLU D 86 33.17 26.56 -1.66
C GLU D 86 33.35 27.97 -2.22
N HIS D 87 32.27 28.76 -2.24
CA HIS D 87 32.37 30.12 -2.76
C HIS D 87 33.33 30.95 -1.92
N ALA D 88 33.29 30.79 -0.59
CA ALA D 88 34.15 31.55 0.30
C ALA D 88 35.59 31.06 0.28
N GLY D 89 35.87 29.93 -0.34
CA GLY D 89 37.22 29.40 -0.34
C GLY D 89 37.67 28.87 0.99
N MET D 90 36.73 28.50 1.86
CA MET D 90 37.04 28.04 3.21
C MET D 90 36.19 26.82 3.56
N ALA D 91 36.78 25.87 4.26
CA ALA D 91 36.08 24.63 4.56
C ALA D 91 34.91 24.84 5.53
N LEU D 92 33.90 23.98 5.39
CA LEU D 92 32.89 23.74 6.41
C LEU D 92 33.59 23.35 7.70
N PRO D 93 32.95 23.55 8.86
CA PRO D 93 33.51 23.01 10.11
C PRO D 93 33.72 21.49 10.01
N ALA D 94 34.44 20.97 11.01
CA ALA D 94 34.69 19.54 11.10
C ALA D 94 33.52 18.88 11.83
N ARG D 95 33.30 17.60 11.49
N ARG D 95 33.27 17.61 11.51
CA ARG D 95 32.23 16.82 12.13
CA ARG D 95 32.19 16.90 12.19
C ARG D 95 32.36 16.83 13.64
C ARG D 95 32.38 16.94 13.70
N ASP D 96 33.59 16.69 14.16
CA ASP D 96 33.79 16.59 15.60
C ASP D 96 33.49 17.91 16.29
N GLN D 97 33.80 19.04 15.64
CA GLN D 97 33.39 20.34 16.17
C GLN D 97 31.89 20.37 16.41
N ILE D 98 31.11 19.92 15.42
CA ILE D 98 29.66 19.99 15.54
C ILE D 98 29.14 19.12 16.68
N VAL D 99 29.57 17.85 16.71
CA VAL D 99 29.00 16.96 17.72
C VAL D 99 29.50 17.34 19.11
N ARG D 100 30.80 17.74 19.22
CA ARG D 100 31.34 18.13 20.53
C ARG D 100 30.75 19.44 21.03
N LEU D 101 30.46 20.39 20.13
CA LEU D 101 29.74 21.59 20.54
C LEU D 101 28.40 21.21 21.17
N ILE D 102 27.63 20.37 20.48
CA ILE D 102 26.30 19.99 20.95
C ILE D 102 26.38 19.26 22.28
N ALA D 103 27.29 18.29 22.38
CA ALA D 103 27.42 17.51 23.61
C ALA D 103 27.74 18.40 24.81
N ASP D 104 28.53 19.47 24.59
CA ASP D 104 28.84 20.42 25.65
C ASP D 104 27.63 21.31 26.01
N LEU D 105 26.73 21.57 25.06
CA LEU D 105 25.52 22.31 25.39
C LEU D 105 24.57 21.49 26.25
N ASP D 106 24.56 20.16 26.05
CA ASP D 106 23.59 19.32 26.72
C ASP D 106 23.90 19.22 28.20
N ARG D 107 22.87 19.27 29.03
CA ARG D 107 23.04 19.14 30.46
C ARG D 107 21.69 18.82 31.09
N PRO D 108 21.68 18.21 32.28
CA PRO D 108 20.44 18.03 33.04
C PRO D 108 19.48 19.21 32.95
N GLY D 109 18.25 18.92 32.57
CA GLY D 109 17.16 19.87 32.63
C GLY D 109 17.03 20.80 31.46
N ARG D 110 17.84 20.63 30.42
CA ARG D 110 17.84 21.54 29.27
C ARG D 110 17.37 20.81 28.01
N LEU D 111 16.47 21.45 27.28
CA LEU D 111 16.17 21.11 25.90
C LEU D 111 17.16 21.86 25.02
N THR D 112 18.03 21.12 24.33
CA THR D 112 18.98 21.69 23.38
C THR D 112 18.50 21.40 21.96
N LEU D 113 18.18 22.45 21.22
CA LEU D 113 17.78 22.33 19.83
C LEU D 113 18.97 22.50 18.89
N VAL D 114 19.00 21.71 17.80
CA VAL D 114 20.00 21.88 16.77
C VAL D 114 19.28 22.19 15.46
N GLU D 115 19.47 23.41 14.98
CA GLU D 115 18.98 23.78 13.66
C GLU D 115 20.10 23.52 12.66
N GLY D 116 19.83 22.70 11.65
CA GLY D 116 20.77 22.62 10.57
C GLY D 116 20.48 23.66 9.51
N ALA D 117 20.64 23.29 8.27
CA ALA D 117 20.46 24.21 7.15
C ALA D 117 19.81 23.44 6.05
N GLY D 118 18.72 24.00 5.50
CA GLY D 118 17.94 23.27 4.53
C GLY D 118 17.34 22.02 5.12
N GLY D 119 17.20 21.01 4.28
CA GLY D 119 16.69 19.74 4.72
C GLY D 119 17.71 18.85 5.43
N LEU D 120 17.25 17.65 5.75
CA LEU D 120 17.96 16.73 6.62
C LEU D 120 19.27 16.24 6.00
N LEU D 121 19.32 16.10 4.68
CA LEU D 121 20.45 15.48 4.01
C LEU D 121 21.49 16.50 3.59
N VAL D 122 21.32 17.75 3.97
CA VAL D 122 22.24 18.79 3.55
C VAL D 122 23.57 18.62 4.26
N GLU D 123 24.66 18.64 3.47
CA GLU D 123 25.98 18.59 4.04
C GLU D 123 26.21 19.78 4.96
N LEU D 124 26.55 19.49 6.23
CA LEU D 124 26.93 20.50 7.21
C LEU D 124 28.41 20.50 7.54
N ALA D 125 29.10 19.41 7.24
CA ALA D 125 30.52 19.27 7.47
C ALA D 125 30.99 18.11 6.61
N GLU D 126 32.26 18.11 6.30
CA GLU D 126 32.79 17.09 5.42
C GLU D 126 33.36 15.95 6.25
N PRO D 127 33.44 14.74 5.67
CA PRO D 127 33.01 14.40 4.31
C PRO D 127 31.56 13.94 4.18
N GLY D 128 30.67 14.85 3.78
CA GLY D 128 29.27 14.49 3.62
C GLY D 128 28.50 14.33 4.91
N VAL D 129 28.93 14.98 6.00
CA VAL D 129 28.26 14.84 7.29
C VAL D 129 26.98 15.66 7.27
N THR D 130 25.86 15.00 7.50
CA THR D 130 24.58 15.67 7.54
C THR D 130 24.10 15.80 8.98
N LEU D 131 22.96 16.47 9.13
CA LEU D 131 22.30 16.59 10.41
C LEU D 131 21.80 15.23 10.90
N ARG D 132 21.48 14.33 9.96
CA ARG D 132 21.08 12.97 10.34
C ARG D 132 22.22 12.22 10.99
N ASP D 133 23.43 12.32 10.43
CA ASP D 133 24.61 11.78 11.08
C ASP D 133 24.77 12.38 12.48
N VAL D 134 24.65 13.71 12.57
CA VAL D 134 24.80 14.38 13.85
C VAL D 134 23.77 13.86 14.85
N ALA D 135 22.58 13.49 14.39
CA ALA D 135 21.56 13.05 15.35
C ALA D 135 21.82 11.63 15.84
N VAL D 136 22.39 10.77 14.99
CA VAL D 136 22.86 9.46 15.47
C VAL D 136 23.96 9.66 16.50
N ASP D 137 24.98 10.44 16.14
CA ASP D 137 26.19 10.56 16.95
C ASP D 137 25.92 11.13 18.34
N VAL D 138 24.84 11.90 18.52
CA VAL D 138 24.53 12.42 19.84
C VAL D 138 23.19 11.89 20.35
N ALA D 139 22.62 10.90 19.65
CA ALA D 139 21.36 10.23 20.03
C ALA D 139 20.22 11.23 20.24
N ALA D 140 20.00 12.09 19.25
CA ALA D 140 18.90 13.04 19.27
C ALA D 140 17.73 12.55 18.44
N ALA D 141 16.51 12.88 18.88
CA ALA D 141 15.37 12.72 17.97
C ALA D 141 15.32 13.89 16.99
N ALA D 142 14.53 13.74 15.93
CA ALA D 142 14.37 14.77 14.90
C ALA D 142 12.92 15.26 14.89
N LEU D 143 12.74 16.55 15.11
CA LEU D 143 11.48 17.22 14.86
C LEU D 143 11.54 17.74 13.43
N VAL D 144 10.54 17.38 12.62
CA VAL D 144 10.54 17.69 11.19
C VAL D 144 9.57 18.82 10.94
N VAL D 145 10.04 19.88 10.26
CA VAL D 145 9.22 21.04 9.93
C VAL D 145 8.76 20.91 8.49
N VAL D 146 7.45 21.01 8.28
CA VAL D 146 6.85 20.80 6.98
C VAL D 146 5.98 21.99 6.63
N THR D 147 5.79 22.23 5.35
CA THR D 147 4.84 23.24 4.90
C THR D 147 3.46 22.60 4.73
N ALA D 148 2.45 23.45 4.51
CA ALA D 148 1.14 22.95 4.18
C ALA D 148 0.88 22.95 2.68
N ASP D 149 1.90 23.26 1.88
CA ASP D 149 1.76 23.46 0.45
C ASP D 149 1.71 22.14 -0.31
N LEU D 150 1.33 22.24 -1.57
CA LEU D 150 1.50 21.13 -2.50
C LEU D 150 2.97 20.74 -2.58
N GLY D 151 3.24 19.45 -2.52
CA GLY D 151 4.59 18.95 -2.43
C GLY D 151 4.96 18.40 -1.07
N THR D 152 4.20 18.77 -0.02
CA THR D 152 4.64 18.44 1.32
C THR D 152 4.54 16.95 1.64
N LEU D 153 3.56 16.25 1.06
CA LEU D 153 3.41 14.85 1.44
C LEU D 153 4.61 14.02 1.00
N ASN D 154 5.01 14.16 -0.28
CA ASN D 154 6.20 13.45 -0.74
C ASN D 154 7.43 13.82 0.09
N HIS D 155 7.68 15.12 0.22
CA HIS D 155 8.84 15.62 0.96
C HIS D 155 8.87 15.10 2.38
N THR D 156 7.71 15.03 3.06
CA THR D 156 7.68 14.54 4.43
C THR D 156 7.96 13.05 4.50
N LYS D 157 7.29 12.25 3.65
CA LYS D 157 7.52 10.81 3.64
C LYS D 157 8.98 10.48 3.33
N LEU D 158 9.55 11.14 2.30
CA LEU D 158 10.98 11.01 2.02
C LEU D 158 11.82 11.34 3.25
N THR D 159 11.48 12.42 3.94
CA THR D 159 12.27 12.86 5.10
C THR D 159 12.18 11.86 6.24
N LEU D 160 10.98 11.33 6.49
CA LEU D 160 10.81 10.36 7.56
C LEU D 160 11.46 9.02 7.23
N GLU D 161 11.42 8.58 5.97
CA GLU D 161 12.12 7.36 5.62
C GLU D 161 13.62 7.52 5.86
N ALA D 162 14.17 8.68 5.51
CA ALA D 162 15.59 8.94 5.74
C ALA D 162 15.94 8.87 7.21
N LEU D 163 15.04 9.37 8.07
CA LEU D 163 15.22 9.23 9.51
C LEU D 163 15.17 7.77 9.91
N ALA D 164 14.09 7.08 9.53
CA ALA D 164 13.89 5.71 9.98
C ALA D 164 15.04 4.82 9.55
N ALA D 165 15.57 5.08 8.35
CA ALA D 165 16.62 4.25 7.80
C ALA D 165 17.89 4.29 8.65
N GLN D 166 18.04 5.31 9.50
CA GLN D 166 19.17 5.36 10.42
C GLN D 166 18.72 5.31 11.88
N GLN D 167 17.54 4.75 12.13
CA GLN D 167 17.04 4.58 13.51
C GLN D 167 17.05 5.91 14.26
N VAL D 168 16.72 6.99 13.56
CA VAL D 168 16.61 8.30 14.18
C VAL D 168 15.14 8.54 14.44
N SER D 169 14.76 8.50 15.71
CA SER D 169 13.36 8.67 16.08
C SER D 169 12.86 10.03 15.59
N CYS D 170 11.66 10.03 15.03
CA CYS D 170 10.99 11.27 14.64
C CYS D 170 10.15 11.76 15.81
N ALA D 171 10.51 12.91 16.35
CA ALA D 171 9.73 13.57 17.38
C ALA D 171 8.45 14.18 16.83
N GLY D 172 8.27 14.21 15.51
CA GLY D 172 7.02 14.62 14.95
C GLY D 172 7.17 15.74 13.95
N LEU D 173 6.04 16.32 13.59
CA LEU D 173 5.97 17.35 12.58
C LEU D 173 5.53 18.66 13.21
N VAL D 174 6.00 19.76 12.62
CA VAL D 174 5.45 21.08 12.86
C VAL D 174 5.23 21.74 11.50
N ILE D 175 3.99 22.13 11.21
CA ILE D 175 3.76 23.00 10.07
C ILE D 175 4.29 24.38 10.41
N GLY D 176 5.31 24.83 9.68
CA GLY D 176 5.98 26.07 10.06
C GLY D 176 5.08 27.28 9.93
N SER D 177 4.21 27.26 8.91
CA SER D 177 3.32 28.38 8.59
C SER D 177 1.95 27.82 8.23
N TRP D 178 0.92 28.19 9.00
CA TRP D 178 -0.45 27.70 8.83
C TRP D 178 -1.35 28.86 8.47
N PRO D 179 -1.97 28.85 7.29
CA PRO D 179 -2.71 30.03 6.83
C PRO D 179 -4.08 30.13 7.47
N ASP D 180 -4.59 31.35 7.50
CA ASP D 180 -5.92 31.65 8.03
C ASP D 180 -6.66 32.49 7.02
N PRO D 181 -7.73 31.96 6.41
CA PRO D 181 -8.19 30.60 6.65
C PRO D 181 -7.46 29.58 5.76
N PRO D 182 -7.49 28.31 6.15
CA PRO D 182 -6.78 27.28 5.37
C PRO D 182 -7.49 26.98 4.06
N GLY D 183 -6.72 26.96 2.97
CA GLY D 183 -7.26 26.58 1.68
C GLY D 183 -7.59 25.10 1.62
N LEU D 184 -7.95 24.64 0.42
CA LEU D 184 -8.26 23.23 0.23
C LEU D 184 -7.03 22.36 0.45
N VAL D 185 -5.94 22.66 -0.26
CA VAL D 185 -4.73 21.86 -0.19
C VAL D 185 -4.18 21.80 1.23
N ALA D 186 -4.06 22.96 1.89
CA ALA D 186 -3.53 22.99 3.25
C ALA D 186 -4.35 22.11 4.18
N ALA D 187 -5.65 22.37 4.27
CA ALA D 187 -6.52 21.56 5.11
C ALA D 187 -6.47 20.09 4.75
N SER D 188 -6.23 19.77 3.47
CA SER D 188 -6.03 18.38 3.10
C SER D 188 -4.70 17.88 3.62
N ASN D 189 -3.64 18.66 3.40
CA ASN D 189 -2.31 18.23 3.81
C ASN D 189 -2.21 18.07 5.32
N ARG D 190 -2.83 18.97 6.09
CA ARG D 190 -2.84 18.79 7.53
C ARG D 190 -3.45 17.46 7.92
N SER D 191 -4.55 17.07 7.26
CA SER D 191 -5.19 15.77 7.55
C SER D 191 -4.28 14.62 7.15
N ALA D 192 -3.70 14.71 5.95
CA ALA D 192 -2.80 13.65 5.48
C ALA D 192 -1.57 13.56 6.37
N LEU D 193 -0.88 14.70 6.59
CA LEU D 193 0.35 14.68 7.37
C LEU D 193 0.11 14.07 8.75
N ALA D 194 -1.00 14.45 9.38
CA ALA D 194 -1.32 13.93 10.71
C ALA D 194 -1.45 12.42 10.69
N ARG D 195 -1.85 11.84 9.57
CA ARG D 195 -1.89 10.39 9.47
C ARG D 195 -0.50 9.77 9.31
N ILE D 196 0.50 10.55 8.90
CA ILE D 196 1.86 10.02 8.72
C ILE D 196 2.67 10.08 10.01
N ALA D 197 2.55 11.17 10.77
CA ALA D 197 3.24 11.34 12.04
C ALA D 197 2.46 12.35 12.86
N MET D 198 2.80 12.44 14.14
CA MET D 198 2.11 13.42 14.99
C MET D 198 2.46 14.82 14.54
N VAL D 199 1.46 15.63 14.26
CA VAL D 199 1.65 17.06 14.07
C VAL D 199 1.69 17.69 15.45
N ARG D 200 2.85 18.20 15.84
CA ARG D 200 3.01 18.71 17.20
C ARG D 200 2.40 20.09 17.33
N ALA D 201 2.29 20.83 16.22
CA ALA D 201 1.91 22.23 16.20
C ALA D 201 1.86 22.76 14.77
N ALA D 202 0.98 23.74 14.52
CA ALA D 202 0.96 24.49 13.26
C ALA D 202 1.16 25.94 13.62
N LEU D 203 2.28 26.51 13.21
CA LEU D 203 2.54 27.88 13.65
C LEU D 203 1.69 28.84 12.82
N PRO D 204 0.98 29.76 13.45
CA PRO D 204 0.26 30.79 12.69
C PRO D 204 1.18 31.46 11.69
N ALA D 205 0.59 31.85 10.55
CA ALA D 205 1.36 32.11 9.35
C ALA D 205 2.24 33.37 9.44
N GLY D 206 1.97 34.26 10.39
CA GLY D 206 2.83 35.42 10.50
C GLY D 206 3.73 35.39 11.71
N ALA D 207 3.95 34.18 12.26
CA ALA D 207 4.54 34.05 13.59
C ALA D 207 5.89 34.71 13.70
N ALA D 208 6.68 34.71 12.63
CA ALA D 208 8.05 35.22 12.74
C ALA D 208 8.07 36.71 13.05
N SER D 209 7.05 37.45 12.63
CA SER D 209 7.09 38.90 12.71
C SER D 209 6.37 39.46 13.92
N LEU D 210 5.83 38.60 14.79
CA LEU D 210 5.21 39.06 16.03
C LEU D 210 6.26 39.63 16.97
N ASP D 211 5.80 40.40 17.96
CA ASP D 211 6.69 40.87 19.01
C ASP D 211 6.91 39.74 20.02
N ALA D 212 7.84 39.97 20.95
CA ALA D 212 8.20 38.93 21.90
C ALA D 212 7.04 38.51 22.79
N GLY D 213 6.03 39.37 22.94
CA GLY D 213 4.90 39.05 23.78
C GLY D 213 3.90 38.17 23.06
N ASP D 214 3.46 38.64 21.88
CA ASP D 214 2.55 37.85 21.06
C ASP D 214 3.14 36.48 20.73
N PHE D 215 4.44 36.44 20.43
CA PHE D 215 5.06 35.19 20.02
C PHE D 215 4.99 34.13 21.12
N ALA D 216 5.32 34.51 22.35
CA ALA D 216 5.30 33.55 23.43
C ALA D 216 3.89 33.08 23.76
N ALA D 217 2.88 33.89 23.46
CA ALA D 217 1.51 33.46 23.64
C ALA D 217 1.11 32.46 22.56
N MET D 218 1.48 32.77 21.32
CA MET D 218 1.31 31.85 20.20
C MET D 218 2.00 30.53 20.49
N SER D 219 3.28 30.58 20.87
CA SER D 219 4.06 29.36 21.07
C SER D 219 3.46 28.50 22.17
N ALA D 220 2.93 29.11 23.23
CA ALA D 220 2.35 28.33 24.31
C ALA D 220 1.08 27.62 23.89
N ALA D 221 0.33 28.23 22.97
CA ALA D 221 -0.86 27.58 22.44
C ALA D 221 -0.54 26.57 21.35
N ALA D 222 0.49 26.84 20.53
CA ALA D 222 0.74 26.00 19.37
C ALA D 222 1.01 24.57 19.77
N PHE D 223 1.71 24.37 20.88
CA PHE D 223 2.13 23.04 21.27
C PHE D 223 1.27 22.52 22.42
N ASP D 224 1.30 21.21 22.57
CA ASP D 224 0.62 20.57 23.68
C ASP D 224 1.50 20.69 24.91
N ARG D 225 1.02 21.46 25.91
CA ARG D 225 1.71 21.63 27.19
C ARG D 225 2.32 20.33 27.68
N ASN D 226 1.57 19.23 27.59
CA ASN D 226 2.08 17.96 28.08
C ASN D 226 3.22 17.45 27.22
N TRP D 227 3.13 17.66 25.90
CA TRP D 227 4.22 17.20 25.05
C TRP D 227 5.49 18.00 25.34
N VAL D 228 5.35 19.32 25.43
CA VAL D 228 6.50 20.20 25.66
C VAL D 228 7.20 19.78 26.95
N ALA D 229 6.47 19.82 28.07
CA ALA D 229 7.03 19.53 29.38
C ALA D 229 7.66 18.14 29.43
N GLY D 230 7.08 17.18 28.73
CA GLY D 230 7.65 15.85 28.70
C GLY D 230 8.89 15.70 27.86
N LEU D 231 9.33 16.74 27.16
CA LEU D 231 10.62 16.66 26.49
C LEU D 231 11.76 16.58 27.50
N VAL D 232 11.56 17.15 28.69
CA VAL D 232 12.50 17.20 29.82
C VAL D 232 13.91 17.51 29.31
C14 L1V E . -8.45 -28.10 12.32
C11 L1V E . -8.13 -25.85 11.38
C12 L1V E . -6.89 -26.24 11.66
C01 L1V E . -9.85 -22.29 11.58
C02 L1V E . -10.94 -21.60 11.03
C03 L1V E . -11.82 -22.25 10.19
C04 L1V E . -11.63 -23.60 9.86
C05 L1V E . -10.56 -24.29 10.41
C07 L1V E . -12.98 -21.50 9.55
O08 L1V E . -13.98 -22.14 9.12
C09 L1V E . -8.46 -24.42 11.87
C16 L1V E . -5.91 -25.95 10.48
O19 L1V E . -4.91 -24.00 11.42
O20 L1V E . -12.90 -20.25 9.39
C06 L1V E . -9.67 -23.62 11.26
C13 L1V E . -9.06 -26.88 12.33
C15 L1V E . -6.96 -27.85 11.85
C17 L1V E . -5.59 -24.47 10.50
O10 L1V E . -7.85 -23.91 12.72
O18 L1V E . -6.05 -23.73 9.59
C10 L1Y F . -7.68 -25.86 12.20
C12 L1Y F . -8.89 -26.99 12.49
C14 L1Y F . -7.18 -27.90 11.12
O17 L1Y F . -4.63 -23.65 10.73
C01 L1Y F . -10.96 -21.58 11.12
C02 L1Y F . -11.86 -22.33 10.13
C03 L1Y F . -11.54 -23.82 9.77
C04 L1Y F . -10.35 -24.57 10.41
C05 L1Y F . -9.45 -23.80 11.41
C06 L1Y F . -9.76 -22.31 11.76
C07 L1Y F . -8.22 -24.41 12.16
C08 L1Y F . -5.59 -25.85 11.14
C09 L1Y F . -5.53 -24.48 10.47
C11 L1Y F . -7.07 -26.25 11.07
C13 L1Y F . -8.26 -28.20 12.25
C18 L1Y F . -13.02 -21.56 9.46
O15 L1Y F . -6.45 -24.21 9.66
O16 L1Y F . -7.64 -23.62 12.79
O19 L1Y F . -12.94 -20.31 9.31
O20 L1Y F . -14.03 -22.18 9.01
S SO4 G . -2.45 -24.62 7.22
O1 SO4 G . -1.34 -24.61 8.15
O2 SO4 G . -2.59 -23.33 6.56
O3 SO4 G . -3.72 -24.91 7.93
O4 SO4 G . -2.14 -25.59 6.16
C14 L1V H . -14.71 -22.01 -14.27
C11 L1V H . -15.06 -20.96 -12.04
C12 L1V H . -16.31 -21.20 -12.50
C01 L1V H . -13.84 -17.48 -10.54
C02 L1V H . -12.85 -16.98 -9.66
C03 L1V H . -11.84 -17.82 -9.22
C04 L1V H . -11.79 -19.15 -9.61
C05 L1V H . -12.75 -19.64 -10.47
C07 L1V H . -10.77 -17.30 -8.27
O08 L1V H . -9.58 -17.70 -8.39
C09 L1V H . -14.86 -19.42 -11.90
C16 L1V H . -17.25 -21.75 -11.35
O19 L1V H . -17.24 -20.04 -9.61
O20 L1V H . -11.12 -16.51 -7.35
C06 L1V H . -13.78 -18.81 -10.92
C13 L1V H . -13.98 -21.51 -13.22
C15 L1V H . -16.17 -22.28 -13.71
C17 L1V H . -17.85 -20.56 -10.60
O10 L1V H . -15.49 -18.69 -12.53
O18 L1V H . -18.94 -20.07 -11.00
C10 L1Y I . -15.64 -20.56 -12.82
C12 L1Y I . -14.36 -21.14 -13.79
C14 L1Y I . -15.55 -22.93 -12.83
O17 L1Y I . -18.96 -19.88 -10.79
C01 L1Y I . -12.86 -16.91 -9.83
C02 L1Y I . -11.85 -17.94 -9.31
C03 L1Y I . -11.97 -19.43 -9.73
C04 L1Y I . -13.08 -19.91 -10.68
C05 L1Y I . -14.10 -18.86 -11.20
C06 L1Y I . -13.99 -17.37 -10.78
C07 L1Y I . -15.28 -19.20 -12.15
C08 L1Y I . -17.48 -21.58 -11.66
C09 L1Y I . -17.86 -20.48 -10.65
C11 L1Y I . -15.95 -21.56 -11.98
C13 L1Y I . -14.78 -22.42 -14.12
C18 L1Y I . -10.73 -17.52 -8.36
O15 L1Y I . -17.08 -20.16 -9.68
O16 L1Y I . -15.97 -18.28 -12.38
O19 L1Y I . -10.96 -16.61 -7.51
O20 L1Y I . -9.62 -18.11 -8.44
S SO4 J . -20.82 -22.53 -7.96
O1 SO4 J . -19.65 -22.58 -8.83
O2 SO4 J . -20.47 -21.66 -6.84
O3 SO4 J . -21.98 -22.00 -8.64
O4 SO4 J . -21.12 -23.87 -7.47
C14 L1V K . -1.16 19.68 -9.58
C11 L1V K . 0.49 17.96 -8.94
C12 L1V K . 0.29 17.73 -10.24
C01 L1V K . 1.13 15.29 -6.01
C02 L1V K . 1.62 15.22 -4.68
C03 L1V K . 1.89 16.40 -4.00
C04 L1V K . 1.68 17.63 -4.61
C05 L1V K . 1.21 17.70 -5.91
C07 L1V K . 2.39 16.37 -2.56
O08 L1V K . 3.15 15.44 -2.19
C09 L1V K . 0.37 16.64 -8.11
C16 L1V K . 1.64 18.13 -10.97
O19 L1V K . 3.56 16.87 -10.12
O20 L1V K . 2.01 17.28 -1.75
C06 L1V K . 0.95 16.51 -6.62
C13 L1V K . -0.71 19.04 -8.45
C15 L1V K . -0.99 18.63 -10.74
C17 L1V K . 2.52 16.88 -10.87
O10 L1V K . -0.18 15.72 -8.57
O18 L1V K . 2.16 15.87 -11.55
C10 L1Y L . -0.31 17.47 -9.35
C12 L1Y L . -1.28 18.59 -8.53
C14 L1Y L . -0.05 19.62 -10.32
O17 L1Y L . 2.63 15.63 -11.51
C01 L1Y L . 1.54 15.11 -4.72
C02 L1Y L . 1.85 16.46 -4.03
C03 L1Y L . 1.66 17.80 -4.83
C04 L1Y L . 1.15 17.80 -6.28
C05 L1Y L . 0.83 16.45 -6.98
C06 L1Y L . 1.03 15.11 -6.18
C07 L1Y L . 0.32 16.35 -8.47
C08 L1Y L . 1.16 17.50 -11.20
C09 L1Y L . 2.41 16.70 -10.86
C11 L1Y L . 0.67 18.19 -9.91
C13 L1Y L . -1.17 19.82 -9.21
C18 L1Y L . 2.36 16.50 -2.58
O15 L1Y L . 3.24 17.11 -9.96
O16 L1Y L . 0.46 15.29 -8.96
O19 L1Y L . 3.15 15.60 -2.15
O20 L1Y L . 1.97 17.44 -1.80
S SO4 M . 5.77 18.25 -13.23
O1 SO4 M . 6.85 17.62 -12.47
O2 SO4 M . 6.30 19.50 -13.71
O3 SO4 M . 4.62 18.42 -12.33
O4 SO4 M . 5.39 17.43 -14.38
C14 L1V N . 19.87 30.61 2.84
C11 L1V N . 19.28 28.21 3.13
C12 L1V N . 19.33 28.72 4.38
C01 L1V N . 20.46 24.51 2.41
C02 L1V N . 20.33 23.49 1.46
C03 L1V N . 19.85 23.78 0.19
C04 L1V N . 19.48 25.08 -0.13
C05 L1V N . 19.59 26.09 0.81
C07 L1V N . 19.72 22.66 -0.82
O08 L1V N . 19.70 22.88 -2.07
C09 L1V N . 20.21 26.98 3.14
C16 L1V N . 18.39 27.95 5.43
O19 L1V N . 16.92 25.99 5.58
O20 L1V N . 19.58 21.49 -0.38
C06 L1V N . 20.07 25.80 2.08
C13 L1V N . 19.99 29.41 2.18
C15 L1V N . 19.04 30.32 4.15
C17 L1V N . 17.34 26.95 4.88
O10 L1V N . 21.05 26.94 3.93
O18 L1V N . 16.83 27.09 3.68
C10 L1Y O . 20.15 28.61 3.52
C12 L1Y O . 20.47 29.56 2.16
C14 L1Y O . 18.74 30.42 3.59
O17 L1Y O . 17.46 26.64 6.39
C01 L1Y O . 20.42 23.47 1.57
C02 L1Y O . 19.86 23.85 0.19
C03 L1Y O . 19.50 25.34 -0.11
C04 L1Y O . 19.72 26.43 0.95
C05 L1Y O . 20.27 26.05 2.34
C06 L1Y O . 20.63 24.57 2.64
C07 L1Y O . 20.51 27.11 3.48
C08 L1Y O . 18.53 28.35 5.20
C09 L1Y O . 17.63 27.12 5.24
C11 L1Y O . 18.85 28.79 3.75
C13 L1Y O . 19.81 30.76 2.46
C18 L1Y O . 19.65 22.72 -0.84
O15 L1Y O . 17.06 26.60 4.20
O16 L1Y O . 21.01 26.68 4.47
O19 L1Y O . 19.49 21.55 -0.40
O20 L1Y O . 19.59 22.94 -2.09
S SO4 P . 13.81 27.91 7.25
O1 SO4 P . 14.76 28.07 6.12
O2 SO4 P . 14.43 28.22 8.53
O3 SO4 P . 12.66 28.80 7.08
O4 SO4 P . 13.32 26.55 7.32
#